data_6TAS
#
_entry.id   6TAS
#
loop_
_entity.id
_entity.type
_entity.pdbx_description
1 polymer 'Activity-regulated cytoskeleton associated protein 1'
2 non-polymer 'ZINC ION'
#
_entity_poly.entity_id   1
_entity_poly.type   'polypeptide(L)'
_entity_poly.pdbx_seq_one_letter_code
;MAQLTQMTNEQLRELIEAVRAAAVGAAGSAAAAGGADASRGKGNFSACTHSFGGTRDHDVVEEFIGNIETYKDVEGISDE
NALKGISLLFYGMASTWWQGVRKEATTWKEAIALIREHFSPTKPAYQIYMEFFQNKQDDHDPIDTFVIQKRALLAQLPSG
RHDEETELDLLFGLLNIKYRKHISRHSVHTFKDLLEQGRIIEHNNQEDEEQLATAKNTRGSKRTTRCTYCSFRGHTFDNC
RKRQKDRQEEQHEE
;
_entity_poly.pdbx_strand_id   A,B,C,G,D,E,F,H
#
# COMPACT_ATOMS: atom_id res chain seq x y z
N GLY A 41 22.58 16.15 7.85
CA GLY A 41 21.26 15.61 7.59
C GLY A 41 21.20 14.73 6.36
N LYS A 42 19.98 14.33 5.98
CA LYS A 42 19.79 13.44 4.84
C LYS A 42 19.90 14.28 3.57
N GLY A 43 21.13 14.49 3.15
CA GLY A 43 21.41 15.39 2.05
C GLY A 43 20.98 14.88 0.68
N ASN A 44 19.67 14.74 0.48
CA ASN A 44 19.14 14.43 -0.84
C ASN A 44 17.66 14.75 -0.86
N PHE A 45 17.13 14.92 -2.07
CA PHE A 45 15.74 15.25 -2.30
C PHE A 45 14.85 14.01 -2.39
N SER A 46 15.36 12.85 -1.97
CA SER A 46 14.67 11.59 -2.24
C SER A 46 13.30 11.53 -1.56
N ALA A 47 13.13 12.20 -0.42
CA ALA A 47 11.87 12.11 0.32
C ALA A 47 10.81 13.09 -0.15
N CYS A 48 11.14 14.04 -1.03
CA CYS A 48 10.20 15.08 -1.42
C CYS A 48 9.04 14.51 -2.22
N THR A 49 7.86 15.10 -2.03
CA THR A 49 6.67 14.75 -2.79
C THR A 49 6.36 15.73 -3.92
N HIS A 50 7.06 16.86 -3.97
CA HIS A 50 6.74 17.89 -4.94
C HIS A 50 7.16 17.50 -6.36
N SER A 51 6.46 18.06 -7.34
CA SER A 51 6.69 17.76 -8.75
C SER A 51 6.34 18.97 -9.59
N PHE A 52 6.73 18.93 -10.86
CA PHE A 52 6.48 20.05 -11.76
C PHE A 52 6.33 19.56 -13.19
N GLY A 53 5.34 20.10 -13.90
CA GLY A 53 5.10 19.77 -15.28
C GLY A 53 5.47 20.88 -16.25
N GLY A 54 4.72 21.01 -17.33
CA GLY A 54 4.97 22.03 -18.32
C GLY A 54 4.01 23.22 -18.30
N THR A 55 3.25 23.37 -17.23
CA THR A 55 2.22 24.41 -17.18
C THR A 55 2.85 25.80 -17.23
N ARG A 56 2.08 26.75 -17.75
CA ARG A 56 2.54 28.12 -17.94
C ARG A 56 1.61 29.09 -17.23
N ASP A 57 1.88 29.32 -15.95
CA ASP A 57 1.19 30.36 -15.19
C ASP A 57 2.05 30.74 -13.99
N HIS A 58 1.87 31.97 -13.51
CA HIS A 58 2.76 32.47 -12.47
C HIS A 58 2.61 31.70 -11.17
N ASP A 59 1.39 31.25 -10.86
CA ASP A 59 1.12 30.73 -9.51
C ASP A 59 1.80 29.39 -9.28
N VAL A 60 1.68 28.47 -10.25
CA VAL A 60 2.23 27.13 -10.06
C VAL A 60 3.75 27.19 -9.95
N VAL A 61 4.39 27.93 -10.84
CA VAL A 61 5.85 28.03 -10.82
C VAL A 61 6.32 28.70 -9.54
N GLU A 62 5.57 29.71 -9.08
CA GLU A 62 5.98 30.41 -7.87
C GLU A 62 5.90 29.51 -6.64
N GLU A 63 4.79 28.80 -6.48
CA GLU A 63 4.66 27.91 -5.33
C GLU A 63 5.67 26.77 -5.41
N PHE A 64 5.99 26.31 -6.62
CA PHE A 64 6.98 25.23 -6.74
C PHE A 64 8.35 25.70 -6.30
N ILE A 65 8.79 26.86 -6.78
CA ILE A 65 10.12 27.34 -6.41
C ILE A 65 10.18 27.62 -4.90
N GLY A 66 9.09 28.15 -4.34
CA GLY A 66 9.12 28.45 -2.92
C GLY A 66 9.15 27.20 -2.06
N ASN A 67 8.42 26.16 -2.46
CA ASN A 67 8.45 24.92 -1.69
C ASN A 67 9.81 24.26 -1.76
N ILE A 68 10.43 24.24 -2.95
CA ILE A 68 11.76 23.61 -3.04
C ILE A 68 12.77 24.40 -2.23
N GLU A 69 12.68 25.73 -2.21
CA GLU A 69 13.66 26.48 -1.44
C GLU A 69 13.49 26.28 0.05
N THR A 70 12.25 26.29 0.55
CA THR A 70 12.05 26.07 1.97
C THR A 70 12.46 24.67 2.39
N TYR A 71 12.23 23.66 1.53
CA TYR A 71 12.70 22.33 1.85
C TYR A 71 14.21 22.25 1.85
N LYS A 72 14.87 22.98 0.96
CA LYS A 72 16.33 22.97 0.97
C LYS A 72 16.87 23.63 2.22
N ASP A 73 16.16 24.62 2.76
CA ASP A 73 16.68 25.35 3.91
C ASP A 73 16.36 24.69 5.25
N VAL A 74 15.24 23.98 5.36
CA VAL A 74 14.85 23.50 6.68
C VAL A 74 15.59 22.23 7.10
N GLU A 75 15.86 21.32 6.16
CA GLU A 75 16.42 20.01 6.50
C GLU A 75 17.94 19.95 6.45
N GLY A 76 18.62 21.07 6.19
CA GLY A 76 20.06 21.12 6.35
C GLY A 76 20.89 20.54 5.22
N ILE A 77 20.30 20.30 4.05
CA ILE A 77 21.09 19.80 2.92
C ILE A 77 22.12 20.84 2.53
N SER A 78 23.29 20.36 2.10
CA SER A 78 24.40 21.25 1.78
C SER A 78 24.10 22.07 0.52
N ASP A 79 24.73 23.24 0.44
CA ASP A 79 24.45 24.18 -0.64
C ASP A 79 24.80 23.59 -2.01
N GLU A 80 25.85 22.78 -2.08
CA GLU A 80 26.30 22.24 -3.35
C GLU A 80 25.77 20.86 -3.66
N ASN A 81 25.49 20.05 -2.64
CA ASN A 81 25.12 18.65 -2.89
C ASN A 81 23.77 18.51 -3.59
N ALA A 82 22.88 19.49 -3.45
CA ALA A 82 21.54 19.33 -4.01
C ALA A 82 21.55 19.27 -5.53
N LEU A 83 22.52 19.93 -6.18
CA LEU A 83 22.47 20.08 -7.62
C LEU A 83 22.57 18.74 -8.34
N LYS A 84 23.30 17.77 -7.78
CA LYS A 84 23.42 16.48 -8.44
C LYS A 84 22.09 15.74 -8.46
N GLY A 85 21.23 15.97 -7.48
CA GLY A 85 19.96 15.29 -7.37
C GLY A 85 18.77 16.00 -7.97
N ILE A 86 18.96 17.17 -8.58
CA ILE A 86 17.83 17.95 -9.04
C ILE A 86 17.04 17.27 -10.13
N SER A 87 17.66 16.37 -10.89
CA SER A 87 17.01 15.76 -12.05
C SER A 87 15.90 14.79 -11.67
N LEU A 88 15.83 14.36 -10.41
CA LEU A 88 14.84 13.36 -10.02
C LEU A 88 13.44 13.94 -9.85
N LEU A 89 13.28 15.25 -9.88
CA LEU A 89 11.97 15.87 -9.67
C LEU A 89 11.19 16.07 -10.96
N PHE A 90 11.87 16.44 -12.05
CA PHE A 90 11.16 16.78 -13.28
C PHE A 90 10.54 15.54 -13.92
N TYR A 91 9.46 15.75 -14.67
CA TYR A 91 8.81 14.67 -15.40
C TYR A 91 8.13 15.25 -16.64
N GLY A 92 7.88 14.36 -17.60
CA GLY A 92 7.24 14.79 -18.84
C GLY A 92 8.12 15.73 -19.64
N MET A 93 7.50 16.80 -20.16
CA MET A 93 8.21 17.73 -21.05
C MET A 93 9.37 18.42 -20.34
N ALA A 94 9.23 18.65 -19.03
CA ALA A 94 10.28 19.34 -18.31
C ALA A 94 11.58 18.55 -18.31
N SER A 95 11.50 17.22 -18.34
CA SER A 95 12.72 16.43 -18.38
C SER A 95 13.46 16.63 -19.71
N THR A 96 12.72 16.71 -20.81
CA THR A 96 13.37 16.99 -22.09
C THR A 96 13.99 18.38 -22.08
N TRP A 97 13.29 19.35 -21.49
CA TRP A 97 13.87 20.69 -21.43
C TRP A 97 15.15 20.71 -20.61
N TRP A 98 15.18 19.95 -19.50
CA TRP A 98 16.41 19.89 -18.72
C TRP A 98 17.51 19.16 -19.46
N GLN A 99 17.16 18.18 -20.30
CA GLN A 99 18.18 17.55 -21.13
C GLN A 99 18.76 18.54 -22.12
N GLY A 100 17.98 19.55 -22.50
CA GLY A 100 18.44 20.46 -23.53
C GLY A 100 19.47 21.49 -23.10
N VAL A 101 19.59 21.79 -21.80
CA VAL A 101 20.40 22.94 -21.40
C VAL A 101 21.22 22.67 -20.14
N ARG A 102 21.69 21.43 -19.96
CA ARG A 102 22.48 21.12 -18.77
C ARG A 102 23.82 21.84 -18.78
N LYS A 103 24.36 22.15 -19.96
CA LYS A 103 25.72 22.66 -20.04
C LYS A 103 25.88 24.02 -19.37
N GLU A 104 24.82 24.81 -19.32
CA GLU A 104 24.93 26.17 -18.79
C GLU A 104 24.83 26.24 -17.27
N ALA A 105 24.09 25.34 -16.64
CA ALA A 105 23.95 25.35 -15.20
C ALA A 105 25.29 25.01 -14.53
N THR A 106 25.54 25.65 -13.39
CA THR A 106 26.78 25.41 -12.66
C THR A 106 26.53 25.22 -11.17
N THR A 107 26.00 26.23 -10.51
CA THR A 107 25.72 26.20 -9.08
C THR A 107 24.21 26.31 -8.84
N TRP A 108 23.84 26.31 -7.55
CA TRP A 108 22.43 26.22 -7.18
C TRP A 108 21.62 27.42 -7.64
N LYS A 109 22.22 28.61 -7.71
CA LYS A 109 21.43 29.81 -7.98
C LYS A 109 21.00 29.87 -9.43
N GLU A 110 21.92 29.58 -10.36
CA GLU A 110 21.60 29.74 -11.77
C GLU A 110 20.54 28.76 -12.25
N ALA A 111 20.35 27.63 -11.56
CA ALA A 111 19.30 26.70 -11.98
C ALA A 111 17.92 27.29 -11.75
N ILE A 112 17.67 27.83 -10.56
CA ILE A 112 16.39 28.48 -10.33
C ILE A 112 16.26 29.73 -11.20
N ALA A 113 17.38 30.40 -11.49
CA ALA A 113 17.30 31.54 -12.41
C ALA A 113 16.84 31.10 -13.78
N LEU A 114 17.36 29.97 -14.26
CA LEU A 114 16.96 29.47 -15.58
C LEU A 114 15.50 29.05 -15.60
N ILE A 115 15.02 28.45 -14.50
CA ILE A 115 13.62 28.06 -14.44
C ILE A 115 12.73 29.28 -14.52
N ARG A 116 13.03 30.29 -13.70
CA ARG A 116 12.20 31.49 -13.68
C ARG A 116 12.27 32.26 -14.99
N GLU A 117 13.39 32.19 -15.70
CA GLU A 117 13.51 32.96 -16.94
C GLU A 117 12.89 32.24 -18.12
N HIS A 118 12.90 30.91 -18.15
CA HIS A 118 12.27 30.17 -19.24
C HIS A 118 10.79 29.86 -19.02
N PHE A 119 10.35 29.89 -17.77
CA PHE A 119 8.92 29.58 -17.43
C PHE A 119 8.28 30.78 -16.72
N SER A 120 9.08 31.83 -16.44
CA SER A 120 8.54 33.01 -15.73
C SER A 120 8.96 34.29 -16.45
N PRO A 121 8.40 34.61 -17.64
CA PRO A 121 8.76 35.83 -18.37
C PRO A 121 8.27 37.06 -17.57
N THR A 122 9.08 38.12 -17.53
CA THR A 122 8.72 39.35 -16.80
C THR A 122 7.71 40.05 -17.71
N LYS A 123 6.43 39.90 -17.39
CA LYS A 123 5.39 40.46 -18.28
C LYS A 123 5.61 41.95 -18.36
N PRO A 124 5.51 42.56 -19.56
CA PRO A 124 5.56 44.01 -19.72
C PRO A 124 4.29 44.67 -19.20
N ALA A 125 4.40 45.97 -18.91
CA ALA A 125 3.40 46.68 -18.11
C ALA A 125 2.03 46.71 -18.79
N TYR A 126 1.99 46.96 -20.10
CA TYR A 126 0.70 47.28 -20.71
C TYR A 126 -0.26 46.09 -20.73
N GLN A 127 0.26 44.87 -20.86
CA GLN A 127 -0.63 43.72 -20.78
C GLN A 127 -1.22 43.57 -19.37
N ILE A 128 -0.43 43.90 -18.35
CA ILE A 128 -0.95 43.82 -16.99
C ILE A 128 -2.04 44.86 -16.78
N TYR A 129 -1.84 46.07 -17.29
CA TYR A 129 -2.89 47.07 -17.15
C TYR A 129 -4.15 46.69 -17.93
N MET A 130 -4.00 46.04 -19.09
CA MET A 130 -5.20 45.60 -19.80
C MET A 130 -5.91 44.47 -19.08
N GLU A 131 -5.14 43.52 -18.51
CA GLU A 131 -5.74 42.34 -17.81
C GLU A 131 -6.48 42.77 -16.54
N PHE A 132 -5.94 43.78 -15.85
CA PHE A 132 -6.71 44.45 -14.78
C PHE A 132 -7.78 45.30 -15.48
N PHE A 133 -8.92 45.54 -14.79
CA PHE A 133 -10.12 46.32 -15.24
C PHE A 133 -11.02 45.45 -16.13
N GLN A 134 -10.57 44.24 -16.45
CA GLN A 134 -11.39 43.22 -17.15
C GLN A 134 -12.06 42.34 -16.10
N ASN A 135 -13.22 41.76 -16.42
CA ASN A 135 -13.96 40.86 -15.50
C ASN A 135 -14.32 41.52 -14.15
N LYS A 136 -15.27 42.45 -14.17
CA LYS A 136 -15.74 43.11 -12.93
C LYS A 136 -16.34 42.01 -12.04
N GLN A 137 -16.15 42.11 -10.73
CA GLN A 137 -16.62 41.04 -9.80
C GLN A 137 -18.14 40.87 -9.94
N ASP A 138 -18.58 39.61 -10.02
CA ASP A 138 -19.98 39.22 -10.10
C ASP A 138 -20.63 39.19 -8.72
N ASP A 139 -21.95 39.01 -8.72
CA ASP A 139 -22.72 39.12 -7.49
C ASP A 139 -22.32 38.06 -6.46
N HIS A 140 -21.85 36.90 -6.90
CA HIS A 140 -21.64 35.78 -6.00
C HIS A 140 -20.28 35.79 -5.30
N ASP A 141 -19.26 36.37 -5.91
CA ASP A 141 -17.91 36.24 -5.37
C ASP A 141 -17.76 37.04 -4.08
N PRO A 142 -17.29 36.41 -3.00
CA PRO A 142 -17.10 37.14 -1.74
C PRO A 142 -15.97 38.15 -1.83
N ILE A 143 -16.00 39.14 -0.93
CA ILE A 143 -15.02 40.26 -0.97
C ILE A 143 -13.58 39.77 -0.76
N ASP A 144 -13.35 38.83 0.16
CA ASP A 144 -11.97 38.37 0.44
C ASP A 144 -11.35 37.70 -0.78
N THR A 145 -12.07 36.82 -1.46
CA THR A 145 -11.49 36.10 -2.62
C THR A 145 -11.10 37.11 -3.72
N PHE A 146 -11.98 38.08 -3.99
CA PHE A 146 -11.76 39.12 -5.02
C PHE A 146 -10.57 40.01 -4.67
N VAL A 147 -10.43 40.41 -3.39
CA VAL A 147 -9.32 41.34 -2.99
C VAL A 147 -7.94 40.67 -3.06
N ILE A 148 -7.84 39.40 -2.70
CA ILE A 148 -6.55 38.70 -2.64
C ILE A 148 -6.01 38.48 -4.05
N GLN A 149 -6.89 38.16 -5.00
CA GLN A 149 -6.41 37.97 -6.37
C GLN A 149 -5.97 39.28 -6.99
N LYS A 150 -6.78 40.34 -6.83
CA LYS A 150 -6.44 41.62 -7.45
C LYS A 150 -5.18 42.23 -6.85
N ARG A 151 -4.87 41.92 -5.59
CA ARG A 151 -3.61 42.40 -5.05
C ARG A 151 -2.44 41.51 -5.44
N ALA A 152 -2.65 40.21 -5.56
CA ALA A 152 -1.57 39.34 -6.01
C ALA A 152 -1.16 39.65 -7.45
N LEU A 153 -2.11 40.09 -8.29
CA LEU A 153 -1.79 40.40 -9.67
C LEU A 153 -1.15 41.76 -9.87
N LEU A 154 -1.18 42.63 -8.86
CA LEU A 154 -0.64 43.98 -8.99
C LEU A 154 0.82 44.09 -8.57
N ALA A 155 1.42 42.99 -8.10
CA ALA A 155 2.81 43.02 -7.66
C ALA A 155 3.82 42.80 -8.77
N GLN A 156 3.37 42.48 -9.99
CA GLN A 156 4.30 42.24 -11.08
C GLN A 156 4.80 43.52 -11.74
N LEU A 157 4.24 44.67 -11.41
CA LEU A 157 4.72 45.94 -11.93
C LEU A 157 6.07 46.27 -11.31
N PRO A 158 6.85 47.13 -11.97
CA PRO A 158 8.20 47.43 -11.46
C PRO A 158 8.14 48.04 -10.06
N SER A 159 9.11 47.66 -9.24
CA SER A 159 9.03 47.92 -7.81
C SER A 159 9.10 49.41 -7.51
N GLY A 160 8.29 49.84 -6.54
CA GLY A 160 8.38 51.19 -6.03
C GLY A 160 7.65 52.25 -6.83
N ARG A 161 6.92 51.88 -7.87
CA ARG A 161 6.25 52.87 -8.71
C ARG A 161 4.92 53.34 -8.16
N HIS A 162 4.41 52.73 -7.09
CA HIS A 162 3.09 53.10 -6.62
C HIS A 162 3.02 52.98 -5.10
N ASP A 163 2.40 53.97 -4.46
CA ASP A 163 2.10 53.95 -3.04
C ASP A 163 0.70 53.40 -2.79
N GLU A 164 0.38 53.22 -1.50
CA GLU A 164 -0.88 52.59 -1.12
C GLU A 164 -2.10 53.38 -1.58
N GLU A 165 -1.99 54.72 -1.58
CA GLU A 165 -3.17 55.54 -1.84
C GLU A 165 -3.65 55.38 -3.27
N THR A 166 -2.76 55.52 -4.25
CA THR A 166 -3.17 55.36 -5.64
C THR A 166 -3.58 53.93 -5.94
N GLU A 167 -3.00 52.95 -5.26
CA GLU A 167 -3.40 51.57 -5.48
C GLU A 167 -4.85 51.35 -5.04
N LEU A 168 -5.18 51.82 -3.82
CA LEU A 168 -6.56 51.70 -3.38
C LEU A 168 -7.51 52.52 -4.23
N ASP A 169 -7.05 53.67 -4.75
CA ASP A 169 -7.90 54.46 -5.63
C ASP A 169 -8.16 53.74 -6.95
N LEU A 170 -7.18 52.97 -7.44
CA LEU A 170 -7.43 52.18 -8.64
C LEU A 170 -8.40 51.04 -8.36
N LEU A 171 -8.25 50.38 -7.21
CA LEU A 171 -9.07 49.20 -6.94
C LEU A 171 -10.54 49.55 -6.74
N PHE A 172 -10.84 50.78 -6.32
CA PHE A 172 -12.19 51.15 -5.90
C PHE A 172 -13.05 51.60 -7.07
N GLY A 173 -13.01 50.84 -8.16
CA GLY A 173 -13.79 51.19 -9.34
C GLY A 173 -14.40 50.00 -10.02
N LEU A 174 -14.33 48.83 -9.38
CA LEU A 174 -14.88 47.62 -9.93
C LEU A 174 -15.82 46.88 -8.99
N LEU A 175 -15.94 47.30 -7.74
CA LEU A 175 -16.87 46.65 -6.83
C LEU A 175 -18.31 46.85 -7.28
N ASN A 176 -19.14 45.84 -7.02
CA ASN A 176 -20.53 45.86 -7.44
C ASN A 176 -21.29 46.97 -6.73
N ILE A 177 -22.53 47.20 -7.19
CA ILE A 177 -23.41 48.20 -6.59
C ILE A 177 -23.73 47.84 -5.15
N LYS A 178 -23.63 46.57 -4.78
CA LYS A 178 -24.06 46.14 -3.46
C LYS A 178 -23.14 46.70 -2.36
N TYR A 179 -21.82 46.58 -2.55
CA TYR A 179 -20.89 47.05 -1.53
C TYR A 179 -20.60 48.54 -1.61
N ARG A 180 -20.96 49.20 -2.70
CA ARG A 180 -20.56 50.59 -2.91
C ARG A 180 -21.56 51.59 -2.35
N LYS A 181 -22.83 51.22 -2.23
CA LYS A 181 -23.85 52.17 -1.83
C LYS A 181 -23.67 52.66 -0.40
N HIS A 182 -23.03 51.86 0.46
CA HIS A 182 -22.95 52.18 1.88
C HIS A 182 -21.62 52.83 2.25
N ILE A 183 -20.50 52.16 2.01
CA ILE A 183 -19.20 52.78 2.22
C ILE A 183 -18.94 53.81 1.13
N SER A 184 -18.16 54.83 1.46
CA SER A 184 -17.82 55.87 0.51
C SER A 184 -16.34 56.18 0.62
N ARG A 185 -15.76 56.67 -0.47
CA ARG A 185 -14.32 56.75 -0.58
C ARG A 185 -13.70 57.70 0.44
N HIS A 186 -14.45 58.68 0.91
CA HIS A 186 -13.90 59.57 1.93
C HIS A 186 -13.67 58.85 3.26
N SER A 187 -14.35 57.74 3.52
CA SER A 187 -14.26 57.10 4.82
C SER A 187 -12.97 56.28 4.96
N VAL A 188 -12.82 55.24 4.15
CA VAL A 188 -11.67 54.35 4.27
C VAL A 188 -10.40 55.13 3.93
N HIS A 189 -9.32 54.82 4.65
CA HIS A 189 -8.02 55.44 4.42
C HIS A 189 -7.02 54.41 3.93
N THR A 190 -6.54 53.54 4.80
CA THR A 190 -5.54 52.54 4.45
C THR A 190 -6.19 51.41 3.66
N PHE A 191 -5.42 50.36 3.39
CA PHE A 191 -5.87 49.22 2.60
C PHE A 191 -6.46 48.11 3.46
N LYS A 192 -6.61 48.32 4.76
CA LYS A 192 -7.14 47.29 5.66
C LYS A 192 -8.58 47.54 6.08
N ASP A 193 -8.99 48.79 6.27
CA ASP A 193 -10.34 49.06 6.76
C ASP A 193 -11.41 48.63 5.77
N LEU A 194 -11.09 48.61 4.48
CA LEU A 194 -12.08 48.23 3.49
C LEU A 194 -12.54 46.79 3.70
N LEU A 195 -11.63 45.91 4.12
CA LEU A 195 -12.03 44.53 4.39
C LEU A 195 -12.98 44.46 5.57
N GLU A 196 -12.77 45.28 6.60
CA GLU A 196 -13.62 45.23 7.78
C GLU A 196 -15.02 45.74 7.45
N GLN A 197 -15.11 46.90 6.80
CA GLN A 197 -16.43 47.41 6.48
C GLN A 197 -17.14 46.52 5.48
N GLY A 198 -16.40 45.88 4.57
CA GLY A 198 -17.03 44.96 3.65
C GLY A 198 -17.53 43.71 4.34
N ARG A 199 -16.80 43.23 5.35
CA ARG A 199 -17.27 42.05 6.06
C ARG A 199 -18.52 42.35 6.86
N ILE A 200 -18.56 43.50 7.54
CA ILE A 200 -19.75 43.83 8.32
C ILE A 200 -20.95 44.08 7.39
N ILE A 201 -20.73 44.65 6.20
CA ILE A 201 -21.85 44.82 5.30
C ILE A 201 -22.26 43.50 4.65
N GLU A 202 -21.33 42.55 4.54
CA GLU A 202 -21.63 41.26 3.95
C GLU A 202 -22.23 40.26 4.93
N HIS A 203 -22.17 40.55 6.23
CA HIS A 203 -22.78 39.66 7.21
C HIS A 203 -24.30 39.59 7.05
N ASN A 204 -24.91 40.64 6.52
CA ASN A 204 -26.36 40.68 6.36
C ASN A 204 -26.78 40.62 4.89
N GLY B 41 22.88 -1.82 7.63
CA GLY B 41 23.95 -2.07 6.67
C GLY B 41 23.74 -3.31 5.82
N LYS B 42 22.53 -3.85 5.84
CA LYS B 42 22.19 -4.99 4.98
C LYS B 42 20.70 -4.98 4.71
N GLY B 43 20.32 -5.63 3.63
CA GLY B 43 18.93 -5.73 3.24
C GLY B 43 18.80 -6.09 1.78
N ASN B 44 17.62 -6.60 1.43
CA ASN B 44 17.32 -7.01 0.06
C ASN B 44 16.57 -5.91 -0.68
N PHE B 45 16.45 -6.09 -1.99
CA PHE B 45 15.69 -5.21 -2.85
C PHE B 45 14.21 -5.53 -2.88
N SER B 46 13.76 -6.51 -2.09
CA SER B 46 12.40 -7.03 -2.20
C SER B 46 11.35 -5.97 -1.95
N ALA B 47 11.69 -4.92 -1.21
CA ALA B 47 10.72 -3.84 -0.85
C ALA B 47 10.36 -2.89 -2.01
N CYS B 48 11.10 -2.89 -3.12
CA CYS B 48 10.89 -1.91 -4.24
C CYS B 48 9.64 -2.13 -5.10
N THR B 49 9.19 -1.05 -5.77
CA THR B 49 8.08 -1.02 -6.70
C THR B 49 8.52 -0.87 -8.15
N HIS B 50 9.83 -0.84 -8.42
CA HIS B 50 10.34 -0.64 -9.78
C HIS B 50 10.72 -1.99 -10.41
N SER B 51 10.49 -2.10 -11.72
CA SER B 51 10.87 -3.28 -12.47
C SER B 51 11.05 -2.90 -13.93
N PHE B 52 12.03 -3.51 -14.58
CA PHE B 52 12.42 -3.15 -15.94
C PHE B 52 12.21 -4.36 -16.84
N GLY B 53 11.17 -4.30 -17.68
CA GLY B 53 10.85 -5.42 -18.54
C GLY B 53 11.63 -5.51 -19.83
N GLY B 54 12.40 -4.49 -20.18
CA GLY B 54 13.16 -4.52 -21.40
C GLY B 54 12.45 -3.89 -22.58
N THR B 55 12.77 -2.64 -22.88
CA THR B 55 12.27 -1.96 -24.07
C THR B 55 13.37 -1.04 -24.59
N ARG B 56 13.52 -0.97 -25.91
CA ARG B 56 14.65 -0.28 -26.51
C ARG B 56 14.30 1.20 -26.67
N ASP B 57 14.52 1.95 -25.60
CA ASP B 57 14.38 3.40 -25.61
C ASP B 57 15.42 3.99 -24.68
N HIS B 58 15.28 5.27 -24.35
CA HIS B 58 16.22 5.96 -23.49
C HIS B 58 15.62 6.38 -22.16
N ASP B 59 14.43 7.00 -22.18
CA ASP B 59 13.88 7.57 -20.96
C ASP B 59 13.59 6.50 -19.91
N VAL B 60 13.15 5.32 -20.34
CA VAL B 60 12.77 4.30 -19.37
C VAL B 60 14.01 3.75 -18.67
N VAL B 61 15.05 3.44 -19.45
CA VAL B 61 16.27 2.91 -18.85
C VAL B 61 16.91 3.95 -17.94
N GLU B 62 16.86 5.23 -18.32
CA GLU B 62 17.48 6.25 -17.49
C GLU B 62 16.73 6.42 -16.18
N GLU B 63 15.39 6.48 -16.24
CA GLU B 63 14.63 6.64 -15.01
C GLU B 63 14.78 5.43 -14.09
N PHE B 64 14.84 4.23 -14.67
CA PHE B 64 14.99 3.05 -13.84
C PHE B 64 16.34 3.02 -13.15
N ILE B 65 17.41 3.32 -13.88
CA ILE B 65 18.73 3.29 -13.28
C ILE B 65 18.85 4.36 -12.20
N GLY B 66 18.21 5.52 -12.41
CA GLY B 66 18.26 6.55 -11.39
C GLY B 66 17.50 6.19 -10.13
N ASN B 67 16.33 5.54 -10.29
CA ASN B 67 15.58 5.15 -9.11
C ASN B 67 16.31 4.07 -8.32
N ILE B 68 16.94 3.11 -9.02
CA ILE B 68 17.69 2.08 -8.30
C ILE B 68 18.88 2.69 -7.57
N GLU B 69 19.52 3.70 -8.19
CA GLU B 69 20.65 4.32 -7.51
C GLU B 69 20.21 5.07 -6.25
N THR B 70 19.10 5.80 -6.33
CA THR B 70 18.62 6.52 -5.15
C THR B 70 18.20 5.56 -4.05
N TYR B 71 17.59 4.43 -4.42
CA TYR B 71 17.19 3.46 -3.41
C TYR B 71 18.39 2.87 -2.70
N LYS B 72 19.42 2.47 -3.46
CA LYS B 72 20.60 1.90 -2.84
C LYS B 72 21.32 2.93 -1.97
N ASP B 73 21.30 4.19 -2.38
CA ASP B 73 21.94 5.21 -1.54
C ASP B 73 21.13 5.51 -0.29
N VAL B 74 19.80 5.35 -0.34
CA VAL B 74 18.97 5.74 0.80
C VAL B 74 18.93 4.65 1.87
N GLU B 75 18.84 3.38 1.48
CA GLU B 75 18.71 2.34 2.51
C GLU B 75 20.06 1.82 3.01
N GLY B 76 21.18 2.32 2.51
CA GLY B 76 22.47 2.03 3.08
C GLY B 76 23.12 0.73 2.66
N ILE B 77 22.53 0.01 1.68
CA ILE B 77 23.12 -1.25 1.23
C ILE B 77 24.50 -1.00 0.62
N SER B 78 25.44 -1.90 0.90
CA SER B 78 26.81 -1.76 0.43
C SER B 78 26.97 -2.35 -0.97
N ASP B 79 28.14 -2.10 -1.58
CA ASP B 79 28.30 -2.39 -3.00
C ASP B 79 28.38 -3.89 -3.28
N GLU B 80 29.25 -4.63 -2.56
CA GLU B 80 29.40 -6.04 -2.86
C GLU B 80 28.29 -6.90 -2.27
N ASN B 81 27.61 -6.42 -1.24
CA ASN B 81 26.43 -7.10 -0.73
C ASN B 81 25.20 -6.83 -1.57
N ALA B 82 25.26 -5.84 -2.47
CA ALA B 82 24.09 -5.48 -3.28
C ALA B 82 24.01 -6.26 -4.58
N LEU B 83 25.14 -6.65 -5.16
CA LEU B 83 25.10 -7.33 -6.45
C LEU B 83 24.40 -8.68 -6.37
N LYS B 84 24.53 -9.38 -5.23
CA LYS B 84 23.95 -10.71 -5.11
C LYS B 84 22.43 -10.66 -5.18
N GLY B 85 21.81 -9.58 -4.72
CA GLY B 85 20.38 -9.47 -4.69
C GLY B 85 19.72 -8.90 -5.93
N ILE B 86 20.51 -8.57 -6.96
CA ILE B 86 19.97 -7.82 -8.09
C ILE B 86 18.94 -8.61 -8.89
N SER B 87 18.95 -9.94 -8.78
CA SER B 87 18.11 -10.76 -9.65
C SER B 87 16.62 -10.55 -9.40
N LEU B 88 16.23 -10.07 -8.23
CA LEU B 88 14.81 -10.00 -7.89
C LEU B 88 14.06 -8.93 -8.68
N LEU B 89 14.77 -7.98 -9.30
CA LEU B 89 14.08 -6.87 -9.96
C LEU B 89 13.60 -7.25 -11.36
N PHE B 90 14.38 -8.01 -12.10
CA PHE B 90 14.06 -8.30 -13.49
C PHE B 90 12.88 -9.26 -13.58
N TYR B 91 12.16 -9.16 -14.70
CA TYR B 91 11.05 -10.07 -14.99
C TYR B 91 10.89 -10.19 -16.49
N GLY B 92 10.29 -11.29 -16.92
CA GLY B 92 10.11 -11.51 -18.35
C GLY B 92 11.44 -11.65 -19.06
N MET B 93 11.57 -10.96 -20.20
CA MET B 93 12.74 -11.11 -21.05
C MET B 93 14.03 -10.72 -20.33
N ALA B 94 13.94 -9.73 -19.44
CA ALA B 94 15.15 -9.31 -18.72
C ALA B 94 15.68 -10.40 -17.82
N SER B 95 14.80 -11.26 -17.30
CA SER B 95 15.29 -12.33 -16.45
C SER B 95 16.08 -13.36 -17.24
N THR B 96 15.58 -13.72 -18.44
CA THR B 96 16.35 -14.63 -19.28
C THR B 96 17.66 -14.00 -19.73
N TRP B 97 17.64 -12.69 -19.98
CA TRP B 97 18.88 -12.02 -20.38
C TRP B 97 19.92 -12.05 -19.26
N TRP B 98 19.49 -11.75 -18.02
CA TRP B 98 20.44 -11.82 -16.91
C TRP B 98 20.89 -13.24 -16.65
N GLN B 99 20.02 -14.22 -16.89
CA GLN B 99 20.45 -15.61 -16.76
C GLN B 99 21.51 -15.95 -17.78
N GLY B 100 21.47 -15.29 -18.93
CA GLY B 100 22.50 -15.50 -19.93
C GLY B 100 23.86 -15.03 -19.48
N VAL B 101 24.08 -13.72 -19.52
CA VAL B 101 25.38 -13.12 -19.21
C VAL B 101 25.43 -12.85 -17.71
N ARG B 102 26.22 -13.63 -17.00
CA ARG B 102 26.40 -13.41 -15.57
C ARG B 102 27.84 -13.54 -15.10
N LYS B 103 28.67 -14.37 -15.72
CA LYS B 103 30.06 -14.54 -15.29
C LYS B 103 30.96 -13.39 -15.72
N GLU B 104 30.50 -12.52 -16.64
CA GLU B 104 31.29 -11.37 -17.04
C GLU B 104 31.23 -10.23 -16.04
N ALA B 105 30.31 -10.25 -15.10
CA ALA B 105 30.20 -9.24 -14.07
C ALA B 105 31.01 -9.64 -12.83
N THR B 106 31.41 -8.62 -12.07
CA THR B 106 32.10 -8.84 -10.80
C THR B 106 31.78 -7.81 -9.73
N THR B 107 31.51 -6.56 -10.09
CA THR B 107 31.14 -5.51 -9.15
C THR B 107 29.96 -4.73 -9.70
N TRP B 108 29.46 -3.79 -8.90
CA TRP B 108 28.26 -3.05 -9.25
C TRP B 108 28.45 -2.24 -10.53
N LYS B 109 29.64 -1.67 -10.72
CA LYS B 109 29.90 -0.79 -11.86
C LYS B 109 29.76 -1.54 -13.17
N GLU B 110 30.29 -2.77 -13.22
CA GLU B 110 30.20 -3.56 -14.45
C GLU B 110 28.75 -3.89 -14.78
N ALA B 111 27.92 -4.09 -13.75
CA ALA B 111 26.53 -4.42 -14.01
C ALA B 111 25.79 -3.24 -14.61
N ILE B 112 26.00 -2.03 -14.07
CA ILE B 112 25.35 -0.88 -14.68
C ILE B 112 25.85 -0.66 -16.10
N ALA B 113 27.15 -0.87 -16.33
CA ALA B 113 27.67 -0.65 -17.68
C ALA B 113 27.08 -1.64 -18.67
N LEU B 114 26.93 -2.90 -18.27
CA LEU B 114 26.35 -3.89 -19.15
C LEU B 114 24.89 -3.57 -19.47
N ILE B 115 24.12 -3.16 -18.46
CA ILE B 115 22.72 -2.85 -18.75
C ILE B 115 22.62 -1.69 -19.71
N ARG B 116 23.41 -0.64 -19.47
CA ARG B 116 23.33 0.54 -20.33
C ARG B 116 23.77 0.24 -21.75
N GLU B 117 24.82 -0.60 -21.87
CA GLU B 117 25.42 -1.01 -23.18
C GLU B 117 24.47 -1.87 -24.02
N HIS B 118 23.83 -2.88 -23.41
CA HIS B 118 22.91 -3.77 -24.13
C HIS B 118 21.49 -3.23 -24.30
N PHE B 119 21.04 -2.24 -23.52
CA PHE B 119 19.65 -1.83 -23.64
C PHE B 119 19.45 -0.39 -24.07
N SER B 120 20.48 0.29 -24.56
CA SER B 120 20.29 1.65 -25.07
C SER B 120 21.46 2.04 -25.96
N PRO B 121 21.40 1.70 -27.26
CA PRO B 121 22.55 1.96 -28.14
C PRO B 121 22.83 3.44 -28.30
N THR B 122 24.11 3.76 -28.48
CA THR B 122 24.50 5.12 -28.83
C THR B 122 24.36 5.30 -30.34
N LYS B 123 23.53 6.26 -30.75
CA LYS B 123 23.34 6.50 -32.17
C LYS B 123 24.58 7.14 -32.77
N PRO B 124 25.00 6.71 -33.96
CA PRO B 124 26.15 7.35 -34.60
C PRO B 124 25.85 8.76 -35.06
N ALA B 125 26.78 9.39 -35.77
CA ALA B 125 26.64 10.81 -36.07
C ALA B 125 25.57 11.08 -37.12
N TYR B 126 25.62 10.36 -38.25
CA TYR B 126 24.85 10.82 -39.40
C TYR B 126 23.34 10.67 -39.22
N GLN B 127 22.89 9.71 -38.41
CA GLN B 127 21.45 9.52 -38.25
C GLN B 127 20.80 10.72 -37.56
N ILE B 128 21.51 11.38 -36.66
CA ILE B 128 20.95 12.55 -36.00
C ILE B 128 20.73 13.66 -37.01
N TYR B 129 21.71 13.90 -37.88
CA TYR B 129 21.56 14.93 -38.89
C TYR B 129 20.44 14.58 -39.87
N MET B 130 20.29 13.28 -40.18
CA MET B 130 19.22 12.90 -41.09
C MET B 130 17.84 13.11 -40.45
N GLU B 131 17.73 12.77 -39.17
CA GLU B 131 16.45 12.93 -38.42
C GLU B 131 16.09 14.40 -38.29
N PHE B 132 17.10 15.26 -38.09
CA PHE B 132 16.95 16.71 -37.85
C PHE B 132 16.30 17.48 -39.00
N PHE B 133 16.57 17.12 -40.25
CA PHE B 133 16.04 17.88 -41.42
C PHE B 133 14.82 17.23 -42.07
N GLN B 134 14.19 16.25 -41.42
CA GLN B 134 13.02 15.54 -42.02
C GLN B 134 11.71 15.88 -41.27
N ASN B 135 11.58 17.09 -40.69
CA ASN B 135 10.38 17.35 -39.92
C ASN B 135 10.22 18.85 -39.66
N LYS B 136 9.66 19.56 -40.63
CA LYS B 136 9.38 20.98 -40.47
C LYS B 136 8.14 21.19 -39.62
N GLN B 137 8.07 22.34 -38.95
CA GLN B 137 6.98 22.59 -38.02
C GLN B 137 5.67 22.85 -38.77
N ASP B 138 4.56 22.45 -38.15
CA ASP B 138 3.23 22.62 -38.70
C ASP B 138 2.64 23.98 -38.27
N ASP B 139 1.52 24.33 -38.92
CA ASP B 139 0.88 25.61 -38.64
C ASP B 139 0.38 25.70 -37.20
N HIS B 140 0.04 24.57 -36.59
CA HIS B 140 -0.54 24.55 -35.25
C HIS B 140 0.50 23.98 -34.28
N ASP B 141 1.44 24.83 -33.87
CA ASP B 141 2.39 24.44 -32.84
C ASP B 141 3.15 25.64 -32.30
N PRO B 142 3.09 25.88 -30.99
CA PRO B 142 3.79 27.03 -30.41
C PRO B 142 5.30 26.90 -30.54
N ILE B 143 5.97 28.06 -30.55
CA ILE B 143 7.40 28.13 -30.77
C ILE B 143 8.17 27.35 -29.70
N ASP B 144 7.64 27.31 -28.48
CA ASP B 144 8.40 26.76 -27.37
C ASP B 144 8.63 25.26 -27.53
N THR B 145 7.57 24.50 -27.83
CA THR B 145 7.71 23.06 -27.96
C THR B 145 8.64 22.69 -29.10
N PHE B 146 8.57 23.43 -30.20
CA PHE B 146 9.40 23.13 -31.36
C PHE B 146 10.87 23.38 -31.05
N VAL B 147 11.17 24.55 -30.47
CA VAL B 147 12.56 24.86 -30.17
C VAL B 147 13.11 23.91 -29.12
N ILE B 148 12.26 23.49 -28.16
CA ILE B 148 12.74 22.59 -27.12
C ILE B 148 13.06 21.22 -27.70
N GLN B 149 12.22 20.72 -28.59
CA GLN B 149 12.49 19.41 -29.18
C GLN B 149 13.74 19.44 -30.05
N LYS B 150 13.83 20.43 -30.95
CA LYS B 150 14.98 20.50 -31.85
C LYS B 150 16.27 20.75 -31.09
N ARG B 151 16.20 21.41 -29.92
CA ARG B 151 17.40 21.54 -29.11
C ARG B 151 17.73 20.24 -28.39
N ALA B 152 16.72 19.52 -27.91
CA ALA B 152 16.98 18.27 -27.22
C ALA B 152 17.57 17.21 -28.15
N LEU B 153 17.28 17.31 -29.45
CA LEU B 153 17.83 16.34 -30.39
C LEU B 153 19.26 16.62 -30.79
N LEU B 154 19.82 17.77 -30.43
CA LEU B 154 21.13 18.16 -30.93
C LEU B 154 22.27 17.94 -29.93
N ALA B 155 21.96 17.62 -28.68
CA ALA B 155 23.00 17.48 -27.66
C ALA B 155 23.70 16.12 -27.70
N GLN B 156 23.22 15.18 -28.52
CA GLN B 156 23.84 13.86 -28.59
C GLN B 156 25.08 13.83 -29.47
N LEU B 157 25.38 14.89 -30.21
CA LEU B 157 26.63 14.98 -30.94
C LEU B 157 27.78 15.16 -29.96
N PRO B 158 29.00 14.79 -30.36
CA PRO B 158 30.14 14.89 -29.44
C PRO B 158 30.37 16.34 -29.02
N SER B 159 30.76 16.51 -27.76
CA SER B 159 30.79 17.83 -27.16
C SER B 159 31.87 18.69 -27.81
N GLY B 160 31.59 19.99 -27.89
CA GLY B 160 32.55 20.94 -28.40
C GLY B 160 32.62 21.06 -29.89
N ARG B 161 31.76 20.36 -30.62
CA ARG B 161 31.76 20.39 -32.08
C ARG B 161 31.00 21.59 -32.66
N HIS B 162 30.21 22.26 -31.83
CA HIS B 162 29.39 23.36 -32.41
C HIS B 162 29.45 24.63 -31.57
N ASP B 163 29.19 25.76 -32.23
CA ASP B 163 29.15 27.11 -31.59
C ASP B 163 27.68 27.54 -31.55
N GLU B 164 27.33 28.43 -30.62
CA GLU B 164 25.92 28.88 -30.50
C GLU B 164 25.48 29.54 -31.83
N GLU B 165 26.40 30.27 -32.47
CA GLU B 165 26.08 30.98 -33.70
C GLU B 165 25.74 30.01 -34.82
N THR B 166 26.60 29.01 -35.06
CA THR B 166 26.32 28.06 -36.13
C THR B 166 25.08 27.23 -35.85
N GLU B 167 24.81 26.91 -34.58
CA GLU B 167 23.63 26.12 -34.28
C GLU B 167 22.36 26.93 -34.55
N LEU B 168 22.34 28.20 -34.13
CA LEU B 168 21.18 29.02 -34.43
C LEU B 168 21.02 29.25 -35.93
N ASP B 169 22.12 29.35 -36.66
CA ASP B 169 22.00 29.46 -38.11
C ASP B 169 21.40 28.19 -38.71
N LEU B 170 21.77 27.04 -38.16
CA LEU B 170 21.17 25.79 -38.64
C LEU B 170 19.69 25.71 -38.30
N LEU B 171 19.27 26.32 -37.18
CA LEU B 171 17.89 26.18 -36.75
C LEU B 171 16.91 26.84 -37.71
N PHE B 172 17.30 27.94 -38.35
CA PHE B 172 16.44 28.53 -39.37
C PHE B 172 16.39 27.63 -40.59
N GLY B 173 15.51 27.99 -41.52
CA GLY B 173 15.23 27.18 -42.67
C GLY B 173 14.19 26.12 -42.43
N LEU B 174 13.67 26.04 -41.20
CA LEU B 174 12.56 25.16 -40.87
C LEU B 174 11.36 25.87 -40.25
N LEU B 175 11.54 27.08 -39.75
CA LEU B 175 10.43 27.80 -39.14
C LEU B 175 9.36 28.11 -40.18
N ASN B 176 8.10 27.97 -39.77
CA ASN B 176 6.98 28.13 -40.68
C ASN B 176 6.78 29.61 -41.02
N ILE B 177 6.08 29.85 -42.14
CA ILE B 177 6.01 31.16 -42.76
C ILE B 177 5.42 32.22 -41.84
N LYS B 178 4.63 31.82 -40.85
CA LYS B 178 3.98 32.81 -39.98
C LYS B 178 4.99 33.64 -39.20
N TYR B 179 6.17 33.07 -38.89
CA TYR B 179 7.17 33.78 -38.11
C TYR B 179 8.31 34.35 -38.95
N ARG B 180 8.57 33.81 -40.13
CA ARG B 180 9.73 34.23 -40.92
C ARG B 180 9.51 35.53 -41.67
N LYS B 181 8.27 36.02 -41.72
CA LYS B 181 7.97 37.25 -42.44
C LYS B 181 8.21 38.50 -41.61
N HIS B 182 8.60 38.37 -40.34
CA HIS B 182 8.84 39.53 -39.48
C HIS B 182 10.26 39.54 -38.95
N ILE B 183 10.62 38.65 -38.03
CA ILE B 183 11.97 38.65 -37.47
C ILE B 183 12.98 38.35 -38.56
N SER B 184 14.07 39.11 -38.58
CA SER B 184 15.12 38.96 -39.57
C SER B 184 16.36 38.33 -38.93
N ARG B 185 17.13 37.60 -39.75
CA ARG B 185 18.23 36.82 -39.21
C ARG B 185 19.32 37.70 -38.60
N HIS B 186 19.48 38.93 -39.07
CA HIS B 186 20.51 39.82 -38.54
C HIS B 186 20.00 40.70 -37.41
N SER B 187 18.90 40.31 -36.75
CA SER B 187 18.40 41.04 -35.58
C SER B 187 18.29 40.14 -34.36
N VAL B 188 19.00 39.02 -34.31
CA VAL B 188 18.94 38.08 -33.20
C VAL B 188 20.33 37.47 -33.03
N HIS B 189 20.65 37.09 -31.79
CA HIS B 189 21.94 36.46 -31.51
C HIS B 189 21.75 35.16 -30.74
N THR B 190 21.57 35.26 -29.43
CA THR B 190 21.41 34.08 -28.58
C THR B 190 19.96 33.61 -28.57
N PHE B 191 19.75 32.40 -28.05
CA PHE B 191 18.41 31.82 -28.02
C PHE B 191 17.43 32.60 -27.15
N LYS B 192 17.92 33.44 -26.23
CA LYS B 192 16.99 34.15 -25.36
C LYS B 192 16.08 35.11 -26.11
N ASP B 193 16.53 35.63 -27.27
CA ASP B 193 15.75 36.64 -27.99
C ASP B 193 14.73 36.05 -28.95
N LEU B 194 15.03 34.89 -29.56
CA LEU B 194 14.09 34.33 -30.53
C LEU B 194 12.77 33.97 -29.87
N LEU B 195 12.81 33.46 -28.65
CA LEU B 195 11.57 33.17 -27.93
C LEU B 195 10.80 34.44 -27.64
N GLU B 196 11.51 35.54 -27.36
CA GLU B 196 10.83 36.81 -27.07
C GLU B 196 10.08 37.32 -28.29
N GLN B 197 10.77 37.35 -29.44
CA GLN B 197 10.13 37.83 -30.65
C GLN B 197 8.98 36.91 -31.06
N GLY B 198 9.13 35.60 -30.83
CA GLY B 198 8.05 34.69 -31.16
C GLY B 198 6.85 34.89 -30.27
N ARG B 199 7.07 35.18 -28.99
CA ARG B 199 5.94 35.40 -28.09
C ARG B 199 5.20 36.68 -28.45
N ILE B 200 5.92 37.77 -28.73
CA ILE B 200 5.23 38.99 -29.10
C ILE B 200 4.50 38.83 -30.43
N ILE B 201 5.07 38.07 -31.37
CA ILE B 201 4.35 37.86 -32.62
C ILE B 201 3.14 36.94 -32.42
N GLU B 202 3.20 36.08 -31.41
CA GLU B 202 2.07 35.17 -31.17
C GLU B 202 0.91 35.89 -30.50
N HIS B 203 1.19 36.72 -29.49
CA HIS B 203 0.10 37.35 -28.75
C HIS B 203 -0.67 38.35 -29.61
N ASN B 204 -0.02 39.00 -30.57
CA ASN B 204 -0.73 39.95 -31.44
C ASN B 204 -1.75 39.26 -32.32
N ASN B 205 -1.52 38.00 -32.68
CA ASN B 205 -2.41 37.29 -33.59
C ASN B 205 -3.54 36.63 -32.80
N GLY C 41 24.09 -9.62 12.43
CA GLY C 41 22.80 -9.56 11.77
C GLY C 41 21.97 -10.83 11.92
N LYS C 42 21.50 -11.07 13.13
CA LYS C 42 20.71 -12.27 13.41
C LYS C 42 19.40 -12.26 12.65
N GLY C 43 18.90 -13.45 12.34
CA GLY C 43 17.63 -13.55 11.64
C GLY C 43 17.25 -15.00 11.46
N ASN C 44 16.15 -15.19 10.75
CA ASN C 44 15.63 -16.52 10.45
C ASN C 44 14.74 -16.39 9.21
N PHE C 45 13.94 -17.41 8.95
CA PHE C 45 13.11 -17.47 7.75
C PHE C 45 11.76 -16.78 7.91
N SER C 46 11.45 -16.23 9.08
CA SER C 46 10.09 -15.80 9.36
C SER C 46 9.63 -14.69 8.43
N ALA C 47 10.54 -13.80 8.02
CA ALA C 47 10.16 -12.64 7.25
C ALA C 47 10.12 -12.87 5.75
N CYS C 48 10.58 -14.02 5.26
CA CYS C 48 10.72 -14.22 3.83
C CYS C 48 9.37 -14.20 3.13
N THR C 49 9.34 -13.61 1.94
CA THR C 49 8.11 -13.51 1.15
C THR C 49 7.99 -14.58 0.08
N HIS C 50 9.04 -15.35 -0.17
CA HIS C 50 8.98 -16.41 -1.17
C HIS C 50 8.22 -17.61 -0.63
N SER C 51 7.61 -18.37 -1.54
CA SER C 51 6.85 -19.56 -1.17
C SER C 51 6.71 -20.45 -2.40
N PHE C 52 6.38 -21.71 -2.14
CA PHE C 52 6.31 -22.72 -3.19
C PHE C 52 5.12 -23.63 -2.94
N GLY C 53 4.38 -23.93 -4.00
CA GLY C 53 3.22 -24.78 -3.97
C GLY C 53 3.54 -26.20 -4.41
N GLY C 54 2.55 -26.84 -5.02
CA GLY C 54 2.69 -28.18 -5.55
C GLY C 54 2.90 -28.30 -7.04
N THR C 55 3.20 -27.21 -7.74
CA THR C 55 3.27 -27.24 -9.19
C THR C 55 4.38 -28.17 -9.67
N ARG C 56 4.13 -28.87 -10.77
CA ARG C 56 5.03 -29.90 -11.28
C ARG C 56 5.73 -29.47 -12.56
N ASP C 57 6.07 -28.20 -12.70
CA ASP C 57 6.83 -27.72 -13.85
C ASP C 57 8.31 -27.74 -13.50
N HIS C 58 9.13 -26.96 -14.21
CA HIS C 58 10.57 -26.91 -13.97
C HIS C 58 11.06 -25.53 -13.60
N ASP C 59 10.62 -24.50 -14.34
CA ASP C 59 11.11 -23.15 -14.10
C ASP C 59 10.74 -22.65 -12.71
N VAL C 60 9.57 -23.05 -12.21
CA VAL C 60 9.14 -22.60 -10.89
C VAL C 60 10.06 -23.17 -9.81
N VAL C 61 10.35 -24.47 -9.90
CA VAL C 61 11.21 -25.09 -8.90
C VAL C 61 12.61 -24.51 -8.95
N GLU C 62 13.11 -24.22 -10.16
CA GLU C 62 14.46 -23.69 -10.27
C GLU C 62 14.54 -22.28 -9.67
N GLU C 63 13.59 -21.42 -10.04
CA GLU C 63 13.61 -20.06 -9.50
C GLU C 63 13.43 -20.06 -7.99
N PHE C 64 12.61 -20.98 -7.47
CA PHE C 64 12.39 -21.00 -6.03
C PHE C 64 13.64 -21.42 -5.28
N ILE C 65 14.30 -22.49 -5.75
CA ILE C 65 15.51 -22.95 -5.06
C ILE C 65 16.59 -21.88 -5.13
N GLY C 66 16.68 -21.17 -6.27
CA GLY C 66 17.70 -20.15 -6.38
C GLY C 66 17.44 -18.96 -5.47
N ASN C 67 16.18 -18.52 -5.37
CA ASN C 67 15.86 -17.39 -4.51
C ASN C 67 16.09 -17.74 -3.05
N ILE C 68 15.70 -18.94 -2.63
CA ILE C 68 15.87 -19.29 -1.23
C ILE C 68 17.35 -19.41 -0.88
N GLU C 69 18.16 -19.95 -1.78
CA GLU C 69 19.58 -20.07 -1.45
C GLU C 69 20.25 -18.70 -1.41
N THR C 70 19.92 -17.81 -2.35
CA THR C 70 20.54 -16.49 -2.31
C THR C 70 20.12 -15.71 -1.06
N TYR C 71 18.87 -15.89 -0.60
CA TYR C 71 18.44 -15.21 0.61
C TYR C 71 19.19 -15.75 1.83
N LYS C 72 19.33 -17.07 1.93
CA LYS C 72 20.03 -17.63 3.08
C LYS C 72 21.49 -17.22 3.08
N ASP C 73 22.10 -17.05 1.91
CA ASP C 73 23.49 -16.61 1.90
C ASP C 73 23.62 -15.11 2.20
N VAL C 74 22.62 -14.31 1.81
CA VAL C 74 22.78 -12.86 1.98
C VAL C 74 22.51 -12.44 3.42
N GLU C 75 21.49 -13.00 4.08
CA GLU C 75 21.17 -12.50 5.41
C GLU C 75 21.96 -13.17 6.52
N GLY C 76 22.85 -14.12 6.22
CA GLY C 76 23.76 -14.61 7.23
C GLY C 76 23.21 -15.62 8.21
N ILE C 77 22.07 -16.23 7.91
CA ILE C 77 21.53 -17.26 8.80
C ILE C 77 22.47 -18.44 8.87
N SER C 78 22.52 -19.08 10.04
CA SER C 78 23.45 -20.16 10.29
C SER C 78 23.15 -21.36 9.40
N ASP C 79 24.19 -22.15 9.10
CA ASP C 79 24.07 -23.27 8.19
C ASP C 79 23.16 -24.38 8.72
N GLU C 80 23.00 -24.50 10.04
CA GLU C 80 22.13 -25.52 10.60
C GLU C 80 20.84 -24.96 11.19
N ASN C 81 20.83 -23.69 11.59
CA ASN C 81 19.63 -23.11 12.18
C ASN C 81 18.48 -23.04 11.17
N ALA C 82 18.79 -22.92 9.88
CA ALA C 82 17.74 -22.81 8.88
C ALA C 82 16.91 -24.08 8.76
N LEU C 83 17.52 -25.25 8.99
CA LEU C 83 16.79 -26.49 8.80
C LEU C 83 15.70 -26.67 9.84
N LYS C 84 15.83 -26.05 11.01
CA LYS C 84 14.83 -26.16 12.05
C LYS C 84 13.60 -25.31 11.80
N GLY C 85 13.64 -24.43 10.81
CA GLY C 85 12.51 -23.55 10.56
C GLY C 85 12.12 -23.46 9.10
N ILE C 86 12.48 -24.48 8.31
CA ILE C 86 12.16 -24.46 6.88
C ILE C 86 10.69 -24.70 6.60
N SER C 87 9.92 -25.16 7.59
CA SER C 87 8.54 -25.56 7.35
C SER C 87 7.62 -24.38 7.11
N LEU C 88 8.08 -23.15 7.32
CA LEU C 88 7.25 -21.97 7.14
C LEU C 88 7.18 -21.50 5.70
N LEU C 89 7.64 -22.31 4.74
CA LEU C 89 7.68 -21.89 3.34
C LEU C 89 6.93 -22.87 2.44
N PHE C 90 5.88 -23.49 2.92
CA PHE C 90 5.13 -24.48 2.14
C PHE C 90 3.64 -24.23 2.22
N TYR C 91 2.95 -24.42 1.10
CA TYR C 91 1.49 -24.28 1.03
C TYR C 91 0.79 -25.45 1.72
N GLY C 92 -0.50 -25.62 1.42
CA GLY C 92 -1.26 -26.74 1.92
C GLY C 92 -1.17 -28.01 1.12
N MET C 93 -0.59 -27.97 -0.08
CA MET C 93 -0.48 -29.16 -0.90
C MET C 93 0.84 -29.90 -0.72
N ALA C 94 1.89 -29.23 -0.26
CA ALA C 94 3.17 -29.86 -0.02
C ALA C 94 3.50 -30.06 1.45
N SER C 95 2.74 -29.44 2.36
CA SER C 95 3.05 -29.61 3.77
C SER C 95 2.83 -31.05 4.22
N THR C 96 1.84 -31.74 3.65
CA THR C 96 1.67 -33.15 3.99
C THR C 96 2.85 -33.98 3.52
N TRP C 97 3.40 -33.65 2.35
CA TRP C 97 4.56 -34.38 1.87
C TRP C 97 5.77 -34.13 2.75
N TRP C 98 5.95 -32.88 3.21
CA TRP C 98 7.06 -32.63 4.12
C TRP C 98 6.86 -33.34 5.46
N GLN C 99 5.61 -33.45 5.92
CA GLN C 99 5.36 -34.20 7.14
C GLN C 99 5.65 -35.67 6.95
N GLY C 100 5.51 -36.18 5.73
CA GLY C 100 5.69 -37.60 5.51
C GLY C 100 7.12 -38.09 5.39
N VAL C 101 8.10 -37.21 5.19
CA VAL C 101 9.47 -37.65 4.93
C VAL C 101 10.45 -36.77 5.69
N ARG C 102 10.06 -36.28 6.87
CA ARG C 102 10.95 -35.43 7.63
C ARG C 102 12.17 -36.19 8.14
N LYS C 103 12.02 -37.47 8.46
CA LYS C 103 13.08 -38.17 9.16
C LYS C 103 14.17 -38.73 8.25
N GLU C 104 13.99 -38.68 6.93
CA GLU C 104 15.01 -39.14 6.00
C GLU C 104 15.95 -38.01 5.59
N ALA C 105 16.32 -37.16 6.54
CA ALA C 105 17.22 -36.05 6.26
C ALA C 105 17.93 -35.65 7.54
N THR C 106 19.11 -35.08 7.40
CA THR C 106 19.91 -34.66 8.54
C THR C 106 20.58 -33.30 8.38
N THR C 107 20.91 -32.86 7.17
CA THR C 107 21.59 -31.59 6.95
C THR C 107 21.05 -30.96 5.68
N TRP C 108 21.30 -29.66 5.54
CA TRP C 108 20.54 -28.81 4.60
C TRP C 108 20.70 -29.28 3.15
N LYS C 109 21.90 -29.76 2.79
CA LYS C 109 22.14 -30.16 1.41
C LYS C 109 21.26 -31.34 1.02
N GLU C 110 21.09 -32.29 1.94
CA GLU C 110 20.26 -33.45 1.63
C GLU C 110 18.81 -33.05 1.42
N ALA C 111 18.33 -32.06 2.17
CA ALA C 111 16.94 -31.64 2.02
C ALA C 111 16.72 -30.97 0.67
N ILE C 112 17.65 -30.12 0.25
CA ILE C 112 17.48 -29.48 -1.05
C ILE C 112 17.55 -30.53 -2.17
N ALA C 113 18.46 -31.49 -2.04
CA ALA C 113 18.55 -32.53 -3.06
C ALA C 113 17.28 -33.38 -3.10
N LEU C 114 16.66 -33.60 -1.94
CA LEU C 114 15.45 -34.40 -1.90
C LEU C 114 14.29 -33.66 -2.57
N ILE C 115 14.19 -32.35 -2.33
CA ILE C 115 13.15 -31.57 -3.02
C ILE C 115 13.33 -31.65 -4.52
N ARG C 116 14.57 -31.49 -4.97
CA ARG C 116 14.82 -31.51 -6.41
C ARG C 116 14.51 -32.88 -7.00
N GLU C 117 14.78 -33.95 -6.24
CA GLU C 117 14.54 -35.28 -6.77
C GLU C 117 13.05 -35.60 -6.87
N HIS C 118 12.28 -35.27 -5.84
CA HIS C 118 10.87 -35.63 -5.87
C HIS C 118 10.05 -34.75 -6.80
N PHE C 119 10.29 -33.43 -6.84
CA PHE C 119 9.37 -32.59 -7.57
C PHE C 119 9.78 -32.24 -9.01
N SER C 120 11.03 -32.48 -9.41
CA SER C 120 11.39 -32.17 -10.79
C SER C 120 12.80 -32.66 -11.13
N PRO C 121 12.92 -33.66 -12.00
CA PRO C 121 14.24 -34.19 -12.34
C PRO C 121 15.12 -33.14 -13.01
N THR C 122 16.42 -33.20 -12.72
CA THR C 122 17.37 -32.31 -13.38
C THR C 122 17.62 -32.77 -14.80
N LYS C 123 17.87 -31.81 -15.69
CA LYS C 123 18.05 -32.13 -17.10
C LYS C 123 19.46 -32.69 -17.34
N PRO C 124 19.57 -33.86 -17.94
CA PRO C 124 20.87 -34.33 -18.44
C PRO C 124 21.25 -33.59 -19.72
N ALA C 125 22.53 -33.73 -20.10
CA ALA C 125 23.09 -32.92 -21.18
C ALA C 125 22.49 -33.23 -22.55
N TYR C 126 22.23 -34.51 -22.85
CA TYR C 126 21.87 -34.86 -24.23
C TYR C 126 20.54 -34.24 -24.64
N GLN C 127 19.61 -34.11 -23.70
CA GLN C 127 18.37 -33.42 -24.03
C GLN C 127 18.62 -31.95 -24.34
N ILE C 128 19.60 -31.34 -23.70
CA ILE C 128 19.91 -29.94 -24.00
C ILE C 128 20.46 -29.82 -25.42
N TYR C 129 21.41 -30.69 -25.77
CA TYR C 129 21.94 -30.64 -27.14
C TYR C 129 20.85 -30.94 -28.18
N MET C 130 19.92 -31.81 -27.83
CA MET C 130 18.81 -32.14 -28.77
C MET C 130 17.93 -30.91 -29.00
N GLU C 131 17.60 -30.17 -27.94
CA GLU C 131 16.71 -28.98 -28.00
C GLU C 131 17.34 -27.83 -28.78
N PHE C 132 18.66 -27.69 -28.69
CA PHE C 132 19.41 -26.56 -29.31
C PHE C 132 19.26 -26.54 -30.83
N PHE C 133 19.30 -27.70 -31.48
CA PHE C 133 19.27 -27.72 -32.97
C PHE C 133 17.88 -27.98 -33.58
N GLN C 134 16.81 -27.99 -32.80
CA GLN C 134 15.47 -28.29 -33.31
C GLN C 134 14.92 -27.14 -34.17
N ASN C 135 14.55 -26.03 -33.52
CA ASN C 135 13.85 -24.95 -34.19
C ASN C 135 14.85 -23.91 -34.68
N LYS C 136 15.05 -23.86 -36.00
CA LYS C 136 15.89 -22.86 -36.64
C LYS C 136 15.21 -21.50 -36.60
N GLN C 137 16.01 -20.45 -36.77
CA GLN C 137 15.50 -19.09 -36.69
C GLN C 137 14.41 -18.85 -37.74
N ASP C 138 13.35 -18.16 -37.32
CA ASP C 138 12.22 -17.86 -38.19
C ASP C 138 12.60 -16.77 -39.17
N ASP C 139 11.60 -16.19 -39.84
CA ASP C 139 11.82 -15.17 -40.86
C ASP C 139 11.43 -13.78 -40.39
N HIS C 140 11.18 -13.59 -39.09
CA HIS C 140 10.74 -12.28 -38.61
C HIS C 140 11.44 -11.80 -37.33
N ASP C 141 11.94 -12.69 -36.48
CA ASP C 141 12.46 -12.25 -35.20
C ASP C 141 13.77 -11.48 -35.38
N PRO C 142 13.97 -10.39 -34.64
CA PRO C 142 15.25 -9.70 -34.67
C PRO C 142 16.37 -10.55 -34.06
N ILE C 143 17.60 -10.26 -34.50
CA ILE C 143 18.76 -11.06 -34.09
C ILE C 143 18.97 -11.03 -32.60
N ASP C 144 18.59 -9.93 -31.93
CA ASP C 144 18.88 -9.77 -30.52
C ASP C 144 18.16 -10.81 -29.67
N THR C 145 16.85 -10.99 -29.90
CA THR C 145 16.10 -11.95 -29.11
C THR C 145 16.61 -13.37 -29.33
N PHE C 146 17.02 -13.67 -30.56
CA PHE C 146 17.52 -15.01 -30.86
C PHE C 146 18.82 -15.28 -30.11
N VAL C 147 19.75 -14.32 -30.14
CA VAL C 147 21.01 -14.52 -29.43
C VAL C 147 20.77 -14.61 -27.93
N ILE C 148 19.80 -13.85 -27.41
CA ILE C 148 19.55 -13.89 -25.97
C ILE C 148 19.00 -15.24 -25.56
N GLN C 149 18.05 -15.78 -26.33
CA GLN C 149 17.48 -17.08 -25.97
C GLN C 149 18.51 -18.19 -26.09
N LYS C 150 19.31 -18.18 -27.17
CA LYS C 150 20.30 -19.24 -27.33
C LYS C 150 21.36 -19.18 -26.25
N ARG C 151 21.79 -17.97 -25.86
CA ARG C 151 22.73 -17.89 -24.75
C ARG C 151 22.10 -18.34 -23.45
N ALA C 152 20.80 -18.09 -23.27
CA ALA C 152 20.14 -18.52 -22.05
C ALA C 152 20.06 -20.03 -21.97
N LEU C 153 19.96 -20.71 -23.10
CA LEU C 153 19.87 -22.17 -23.05
C LEU C 153 21.22 -22.86 -22.96
N LEU C 154 22.33 -22.15 -23.13
CA LEU C 154 23.65 -22.76 -23.20
C LEU C 154 24.44 -22.68 -21.90
N ALA C 155 23.94 -21.98 -20.89
CA ALA C 155 24.65 -21.87 -19.62
C ALA C 155 24.38 -23.03 -18.67
N GLN C 156 23.46 -23.93 -19.01
CA GLN C 156 23.11 -25.04 -18.14
C GLN C 156 24.04 -26.24 -18.25
N LEU C 157 24.91 -26.28 -19.26
CA LEU C 157 25.92 -27.32 -19.32
C LEU C 157 26.98 -27.07 -18.26
N PRO C 158 27.74 -28.10 -17.87
CA PRO C 158 28.74 -27.90 -16.82
C PRO C 158 29.78 -26.88 -17.26
N SER C 159 30.24 -26.08 -16.31
CA SER C 159 31.05 -24.92 -16.64
C SER C 159 32.45 -25.34 -17.07
N GLY C 160 33.03 -24.57 -17.97
CA GLY C 160 34.40 -24.77 -18.40
C GLY C 160 34.59 -25.78 -19.51
N ARG C 161 33.52 -26.40 -20.00
CA ARG C 161 33.63 -27.34 -21.11
C ARG C 161 33.62 -26.65 -22.46
N HIS C 162 33.33 -25.35 -22.52
CA HIS C 162 33.17 -24.68 -23.80
C HIS C 162 33.56 -23.21 -23.64
N ASP C 163 34.65 -22.81 -24.30
CA ASP C 163 35.09 -21.43 -24.30
C ASP C 163 34.35 -20.66 -25.39
N GLU C 164 34.72 -19.39 -25.58
CA GLU C 164 33.92 -18.50 -26.41
C GLU C 164 33.90 -18.93 -27.88
N GLU C 165 35.02 -19.46 -28.39
CA GLU C 165 35.15 -19.64 -29.83
C GLU C 165 34.26 -20.78 -30.34
N THR C 166 34.30 -21.93 -29.68
CA THR C 166 33.46 -23.04 -30.12
C THR C 166 31.98 -22.73 -29.93
N GLU C 167 31.65 -21.93 -28.92
CA GLU C 167 30.26 -21.53 -28.75
C GLU C 167 29.80 -20.66 -29.91
N LEU C 168 30.64 -19.71 -30.33
CA LEU C 168 30.30 -18.90 -31.49
C LEU C 168 30.21 -19.77 -32.74
N ASP C 169 31.02 -20.82 -32.83
CA ASP C 169 30.92 -21.72 -33.98
C ASP C 169 29.61 -22.50 -33.98
N LEU C 170 29.18 -22.98 -32.81
CA LEU C 170 27.93 -23.73 -32.75
C LEU C 170 26.73 -22.83 -33.06
N LEU C 171 26.76 -21.58 -32.60
CA LEU C 171 25.60 -20.71 -32.79
C LEU C 171 25.41 -20.29 -34.24
N PHE C 172 26.47 -20.30 -35.05
CA PHE C 172 26.47 -19.65 -36.35
C PHE C 172 25.79 -20.45 -37.45
N GLY C 173 25.44 -21.70 -37.21
CA GLY C 173 24.85 -22.50 -38.25
C GLY C 173 23.36 -22.36 -38.45
N LEU C 174 22.66 -21.58 -37.62
CA LEU C 174 21.21 -21.52 -37.67
C LEU C 174 20.64 -20.15 -38.04
N LEU C 175 21.48 -19.18 -38.37
CA LEU C 175 20.97 -17.85 -38.69
C LEU C 175 20.22 -17.87 -40.02
N ASN C 176 19.21 -17.02 -40.12
CA ASN C 176 18.37 -16.93 -41.32
C ASN C 176 19.17 -16.30 -42.46
N ILE C 177 18.73 -16.59 -43.69
CA ILE C 177 19.49 -16.26 -44.89
C ILE C 177 19.72 -14.77 -45.06
N LYS C 178 18.91 -13.91 -44.42
CA LYS C 178 19.11 -12.48 -44.57
C LYS C 178 20.46 -12.02 -44.04
N TYR C 179 20.97 -12.67 -42.99
CA TYR C 179 22.23 -12.23 -42.40
C TYR C 179 23.44 -13.02 -42.88
N ARG C 180 23.25 -14.28 -43.28
CA ARG C 180 24.38 -15.12 -43.66
C ARG C 180 25.02 -14.70 -44.97
N LYS C 181 24.31 -13.97 -45.81
CA LYS C 181 24.79 -13.61 -47.13
C LYS C 181 25.69 -12.37 -47.13
N HIS C 182 25.78 -11.65 -46.01
CA HIS C 182 26.67 -10.50 -45.89
C HIS C 182 27.81 -10.81 -44.92
N ILE C 183 27.54 -10.82 -43.61
CA ILE C 183 28.58 -11.15 -42.64
C ILE C 183 29.02 -12.59 -42.83
N SER C 184 30.31 -12.84 -42.65
CA SER C 184 30.88 -14.17 -42.84
C SER C 184 31.63 -14.56 -41.57
N ARG C 185 32.18 -15.78 -41.57
CA ARG C 185 32.92 -16.29 -40.43
C ARG C 185 34.34 -15.77 -40.36
N HIS C 186 34.81 -15.05 -41.39
CA HIS C 186 36.17 -14.54 -41.38
C HIS C 186 36.40 -13.56 -40.23
N SER C 187 35.40 -12.70 -40.01
CA SER C 187 35.49 -11.67 -38.94
C SER C 187 34.24 -11.71 -38.06
N VAL C 188 34.42 -12.14 -36.81
CA VAL C 188 33.37 -12.17 -35.75
C VAL C 188 34.10 -11.71 -34.48
N HIS C 189 35.16 -12.42 -34.10
CA HIS C 189 35.98 -11.99 -32.92
C HIS C 189 35.10 -11.81 -31.69
N THR C 190 34.33 -12.85 -31.34
CA THR C 190 33.40 -12.98 -30.18
C THR C 190 32.02 -12.37 -30.48
N PHE C 191 31.10 -12.54 -29.53
CA PHE C 191 29.68 -12.12 -29.63
C PHE C 191 29.49 -10.60 -29.74
N LYS C 192 30.22 -9.78 -29.00
CA LYS C 192 29.89 -8.36 -29.05
C LYS C 192 29.89 -7.82 -30.47
N ASP C 193 30.70 -8.40 -31.36
CA ASP C 193 30.76 -7.89 -32.72
C ASP C 193 29.56 -8.33 -33.56
N LEU C 194 29.09 -9.56 -33.34
CA LEU C 194 28.00 -10.08 -34.16
C LEU C 194 26.73 -9.25 -33.96
N LEU C 195 26.44 -8.86 -32.72
CA LEU C 195 25.27 -8.02 -32.48
C LEU C 195 25.41 -6.67 -33.16
N GLU C 196 26.63 -6.13 -33.20
CA GLU C 196 26.83 -4.81 -33.79
C GLU C 196 26.60 -4.85 -35.30
N GLN C 197 27.24 -5.82 -35.97
CA GLN C 197 27.03 -5.92 -37.41
C GLN C 197 25.59 -6.29 -37.74
N GLY C 198 24.93 -7.07 -36.89
CA GLY C 198 23.54 -7.39 -37.15
C GLY C 198 22.63 -6.19 -37.00
N ARG C 199 22.91 -5.32 -36.02
CA ARG C 199 22.10 -4.13 -35.86
C ARG C 199 22.29 -3.17 -37.03
N ILE C 200 23.54 -3.00 -37.48
CA ILE C 200 23.74 -2.12 -38.63
C ILE C 200 23.11 -2.70 -39.90
N ILE C 201 23.10 -4.03 -40.04
CA ILE C 201 22.46 -4.64 -41.20
C ILE C 201 20.94 -4.65 -41.08
N GLU C 202 20.41 -4.49 -39.86
CA GLU C 202 18.97 -4.46 -39.67
C GLU C 202 18.38 -3.07 -39.80
N HIS C 203 19.12 -2.03 -39.42
CA HIS C 203 18.59 -0.68 -39.57
C HIS C 203 18.41 -0.28 -41.03
N ASN C 204 19.15 -0.92 -41.94
CA ASN C 204 19.18 -0.54 -43.34
C ASN C 204 17.96 -1.02 -44.12
N ASN C 205 16.93 -1.51 -43.44
CA ASN C 205 15.72 -2.01 -44.09
C ASN C 205 16.05 -3.20 -44.99
N GLN C 206 16.84 -4.12 -44.44
CA GLN C 206 17.28 -5.31 -45.17
C GLN C 206 17.94 -4.97 -46.51
N THR D 224 0.93 8.59 -13.54
CA THR D 224 0.58 8.05 -14.88
C THR D 224 0.51 6.52 -14.81
N THR D 225 -0.62 5.94 -15.23
CA THR D 225 -0.85 4.47 -15.23
C THR D 225 -0.66 3.91 -13.81
N ARG D 226 -1.17 4.61 -12.80
CA ARG D 226 -1.05 4.15 -11.38
C ARG D 226 -1.52 2.70 -11.28
N CYS D 227 -0.67 1.82 -10.75
CA CYS D 227 -1.00 0.38 -10.60
C CYS D 227 -2.40 0.25 -9.98
N THR D 228 -3.33 -0.39 -10.70
CA THR D 228 -4.78 -0.46 -10.38
C THR D 228 -5.00 -1.01 -8.97
N TYR D 229 -4.22 -2.02 -8.56
CA TYR D 229 -4.42 -2.81 -7.31
C TYR D 229 -3.69 -2.14 -6.13
N CYS D 230 -2.35 -2.04 -6.18
CA CYS D 230 -1.50 -1.59 -5.05
C CYS D 230 -1.47 -0.05 -4.96
N SER D 231 -2.00 0.61 -6.00
CA SER D 231 -2.10 2.09 -6.05
C SER D 231 -0.72 2.74 -6.08
N PHE D 232 0.25 2.06 -6.67
CA PHE D 232 1.63 2.59 -6.83
C PHE D 232 1.90 2.70 -8.33
N ARG D 233 2.57 3.82 -8.60
CA ARG D 233 3.03 4.32 -9.91
C ARG D 233 4.34 3.59 -10.20
N GLY D 234 4.31 2.27 -10.44
CA GLY D 234 5.62 1.68 -10.76
C GLY D 234 5.47 0.51 -11.73
N HIS D 235 4.23 0.18 -12.11
CA HIS D 235 4.05 -0.98 -13.03
C HIS D 235 2.57 -1.14 -13.43
N THR D 236 2.17 -2.31 -13.98
CA THR D 236 0.84 -2.58 -14.59
C THR D 236 0.05 -3.59 -13.74
N PHE D 237 -1.17 -3.91 -14.17
CA PHE D 237 -2.14 -4.82 -13.49
C PHE D 237 -1.61 -6.25 -13.43
N ASP D 238 -1.30 -6.82 -14.60
CA ASP D 238 -0.87 -8.24 -14.80
C ASP D 238 0.13 -8.66 -13.71
N ASN D 239 1.19 -7.88 -13.52
CA ASN D 239 2.32 -8.21 -12.61
C ASN D 239 2.33 -7.23 -11.43
N CYS D 240 2.08 -7.75 -10.22
CA CYS D 240 2.08 -7.05 -8.91
C CYS D 240 2.39 -8.07 -7.81
N ARG D 241 3.32 -7.72 -6.91
CA ARG D 241 3.82 -8.68 -5.90
C ARG D 241 2.68 -9.20 -5.01
N LYS D 242 1.80 -8.32 -4.56
CA LYS D 242 0.71 -8.78 -3.67
C LYS D 242 -0.22 -9.75 -4.41
N ARG D 243 -0.64 -9.40 -5.63
CA ARG D 243 -1.62 -10.22 -6.41
C ARG D 243 -1.07 -11.55 -6.96
N GLN D 244 0.09 -11.55 -7.60
CA GLN D 244 0.66 -12.76 -8.27
C GLN D 244 1.01 -13.87 -7.27
N LYS D 245 1.66 -13.48 -6.17
CA LYS D 245 2.16 -14.34 -5.06
C LYS D 245 1.75 -13.70 -3.73
N ASP D 246 2.47 -13.98 -2.64
CA ASP D 246 2.11 -13.56 -1.25
C ASP D 246 0.77 -14.19 -0.87
N ARG D 247 0.54 -15.44 -1.31
CA ARG D 247 -0.71 -16.22 -1.11
C ARG D 247 -1.93 -15.29 -1.07
N GLN D 248 -2.15 -14.56 -2.16
CA GLN D 248 -3.41 -13.82 -2.48
C GLN D 248 -4.20 -14.68 -3.49
N GLU D 249 -5.25 -14.12 -4.09
CA GLU D 249 -6.12 -14.80 -5.09
C GLU D 249 -6.71 -16.06 -4.44
N GLU D 250 -7.35 -15.91 -3.28
CA GLU D 250 -8.00 -17.00 -2.51
C GLU D 250 -9.52 -16.96 -2.76
N GLY E 41 12.97 -11.72 22.95
CA GLY E 41 12.47 -11.40 21.63
C GLY E 41 11.11 -10.71 21.65
N LYS E 42 10.53 -10.52 20.46
CA LYS E 42 9.25 -9.82 20.33
C LYS E 42 8.15 -10.78 20.72
N GLY E 43 7.92 -10.87 22.03
CA GLY E 43 7.01 -11.85 22.58
C GLY E 43 5.54 -11.59 22.29
N ASN E 44 5.15 -11.64 21.03
CA ASN E 44 3.74 -11.58 20.67
C ASN E 44 3.57 -12.10 19.26
N PHE E 45 2.33 -12.50 18.94
CA PHE E 45 1.98 -13.04 17.64
C PHE E 45 1.59 -11.96 16.64
N SER E 46 1.92 -10.70 16.93
CA SER E 46 1.38 -9.60 16.14
C SER E 46 1.85 -9.64 14.69
N ALA E 47 3.04 -10.18 14.43
CA ALA E 47 3.59 -10.19 13.08
C ALA E 47 3.12 -11.36 12.23
N CYS E 48 2.44 -12.35 12.80
CA CYS E 48 2.08 -13.55 12.06
C CYS E 48 1.05 -13.24 10.97
N THR E 49 1.17 -13.97 9.86
CA THR E 49 0.23 -13.90 8.76
C THR E 49 -0.78 -15.03 8.75
N HIS E 50 -0.59 -16.05 9.58
CA HIS E 50 -1.44 -17.24 9.54
C HIS E 50 -2.82 -16.96 10.11
N SER E 51 -3.80 -17.73 9.63
CA SER E 51 -5.19 -17.56 10.05
C SER E 51 -5.89 -18.92 9.97
N PHE E 52 -7.10 -18.98 10.54
CA PHE E 52 -7.85 -20.22 10.56
C PHE E 52 -9.35 -19.94 10.58
N GLY E 53 -10.09 -20.70 9.78
CA GLY E 53 -11.53 -20.57 9.69
C GLY E 53 -12.27 -21.72 10.34
N GLY E 54 -13.41 -22.10 9.78
CA GLY E 54 -14.21 -23.19 10.31
C GLY E 54 -14.15 -24.48 9.51
N THR E 55 -13.17 -24.61 8.62
CA THR E 55 -13.12 -25.76 7.74
C THR E 55 -12.88 -27.05 8.52
N ARG E 56 -13.36 -28.17 7.97
CA ARG E 56 -13.30 -29.47 8.62
C ARG E 56 -12.59 -30.46 7.71
N ASP E 57 -11.25 -30.49 7.81
CA ASP E 57 -10.46 -31.52 7.15
C ASP E 57 -9.12 -31.61 7.86
N HIS E 58 -8.50 -32.79 7.77
CA HIS E 58 -7.29 -33.04 8.53
C HIS E 58 -6.14 -32.14 8.11
N ASP E 59 -6.06 -31.84 6.80
CA ASP E 59 -4.85 -31.20 6.27
C ASP E 59 -4.73 -29.76 6.74
N VAL E 60 -5.82 -28.99 6.66
CA VAL E 60 -5.74 -27.57 7.00
C VAL E 60 -5.43 -27.39 8.49
N VAL E 61 -6.12 -28.16 9.34
CA VAL E 61 -5.89 -28.04 10.78
C VAL E 61 -4.47 -28.48 11.13
N GLU E 62 -3.97 -29.51 10.45
CA GLU E 62 -2.64 -30.00 10.76
C GLU E 62 -1.58 -28.97 10.39
N GLU E 63 -1.66 -28.41 9.18
CA GLU E 63 -0.68 -27.42 8.79
C GLU E 63 -0.77 -26.16 9.64
N PHE E 64 -1.98 -25.81 10.08
CA PHE E 64 -2.14 -24.63 10.94
C PHE E 64 -1.44 -24.83 12.29
N ILE E 65 -1.70 -25.97 12.92
CA ILE E 65 -1.09 -26.22 14.23
C ILE E 65 0.43 -26.30 14.10
N GLY E 66 0.92 -26.91 13.01
CA GLY E 66 2.36 -27.02 12.85
C GLY E 66 3.03 -25.68 12.61
N ASN E 67 2.39 -24.81 11.82
CA ASN E 67 2.97 -23.50 11.58
C ASN E 67 2.99 -22.66 12.86
N ILE E 68 1.90 -22.71 13.64
CA ILE E 68 1.90 -21.91 14.87
C ILE E 68 2.94 -22.44 15.85
N GLU E 69 3.14 -23.75 15.91
CA GLU E 69 4.12 -24.27 16.85
C GLU E 69 5.54 -23.90 16.44
N THR E 70 5.86 -24.03 15.14
CA THR E 70 7.20 -23.67 14.71
C THR E 70 7.47 -22.18 14.88
N TYR E 71 6.46 -21.34 14.66
CA TYR E 71 6.64 -19.91 14.90
C TYR E 71 6.84 -19.63 16.38
N LYS E 72 6.14 -20.36 17.25
CA LYS E 72 6.35 -20.14 18.68
C LYS E 72 7.74 -20.57 19.11
N ASP E 73 8.31 -21.56 18.44
CA ASP E 73 9.62 -22.07 18.88
C ASP E 73 10.79 -21.30 18.28
N VAL E 74 10.66 -20.75 17.08
CA VAL E 74 11.84 -20.17 16.44
C VAL E 74 12.15 -18.77 16.96
N GLU E 75 11.15 -17.95 17.25
CA GLU E 75 11.37 -16.54 17.58
C GLU E 75 11.52 -16.29 19.07
N GLY E 76 11.50 -17.32 19.91
CA GLY E 76 11.85 -17.14 21.31
C GLY E 76 10.78 -16.59 22.22
N ILE E 77 9.52 -16.58 21.79
CA ILE E 77 8.45 -16.12 22.67
C ILE E 77 8.33 -17.04 23.87
N SER E 78 8.01 -16.46 25.02
CA SER E 78 7.96 -17.23 26.26
C SER E 78 6.80 -18.21 26.27
N ASP E 79 6.97 -19.29 27.03
CA ASP E 79 6.00 -20.39 27.04
C ASP E 79 4.63 -19.92 27.51
N GLU E 80 4.59 -18.98 28.45
CA GLU E 80 3.32 -18.56 29.03
C GLU E 80 2.76 -17.31 28.37
N ASN E 81 3.60 -16.42 27.85
CA ASN E 81 3.12 -15.14 27.35
C ASN E 81 2.23 -15.27 26.13
N ALA E 82 2.38 -16.34 25.35
CA ALA E 82 1.64 -16.45 24.09
C ALA E 82 0.14 -16.57 24.33
N LEU E 83 -0.28 -17.16 25.45
CA LEU E 83 -1.68 -17.49 25.64
C LEU E 83 -2.57 -16.25 25.69
N LYS E 84 -2.05 -15.13 26.20
CA LYS E 84 -2.85 -13.92 26.25
C LYS E 84 -3.16 -13.38 24.86
N GLY E 85 -2.28 -13.61 23.90
CA GLY E 85 -2.45 -13.10 22.55
C GLY E 85 -3.08 -14.04 21.56
N ILE E 86 -3.50 -15.24 21.99
CA ILE E 86 -3.98 -16.24 21.04
C ILE E 86 -5.26 -15.81 20.34
N SER E 87 -6.04 -14.92 20.95
CA SER E 87 -7.35 -14.56 20.41
C SER E 87 -7.26 -13.71 19.15
N LEU E 88 -6.10 -13.15 18.83
CA LEU E 88 -5.99 -12.26 17.69
C LEU E 88 -5.93 -13.00 16.36
N LEU E 89 -5.79 -14.33 16.37
CA LEU E 89 -5.67 -15.08 15.13
C LEU E 89 -7.01 -15.55 14.58
N PHE E 90 -7.94 -15.95 15.45
CA PHE E 90 -9.19 -16.54 14.98
C PHE E 90 -10.08 -15.48 14.32
N TYR E 91 -10.93 -15.93 13.40
CA TYR E 91 -11.88 -15.06 12.74
C TYR E 91 -13.10 -15.87 12.33
N GLY E 92 -14.20 -15.15 12.12
CA GLY E 92 -15.45 -15.82 11.73
C GLY E 92 -15.98 -16.72 12.83
N MET E 93 -16.42 -17.91 12.43
CA MET E 93 -17.07 -18.83 13.37
C MET E 93 -16.11 -19.26 14.48
N ALA E 94 -14.82 -19.35 14.18
CA ALA E 94 -13.88 -19.80 15.19
C ALA E 94 -13.82 -18.83 16.38
N SER E 95 -14.04 -17.54 16.13
CA SER E 95 -14.04 -16.59 17.24
C SER E 95 -15.21 -16.84 18.19
N THR E 96 -16.38 -17.17 17.64
CA THR E 96 -17.51 -17.51 18.49
C THR E 96 -17.22 -18.78 19.28
N TRP E 97 -16.60 -19.77 18.62
CA TRP E 97 -16.27 -21.00 19.34
C TRP E 97 -15.30 -20.73 20.48
N TRP E 98 -14.32 -19.85 20.25
CA TRP E 98 -13.39 -19.52 21.33
C TRP E 98 -14.07 -18.73 22.43
N GLN E 99 -15.09 -17.93 22.10
CA GLN E 99 -15.85 -17.27 23.13
C GLN E 99 -16.61 -18.27 23.98
N GLY E 100 -16.94 -19.43 23.39
CA GLY E 100 -17.77 -20.38 24.12
C GLY E 100 -17.06 -21.20 25.18
N VAL E 101 -15.73 -21.32 25.14
CA VAL E 101 -15.06 -22.27 26.02
C VAL E 101 -13.76 -21.73 26.60
N ARG E 102 -13.70 -20.43 26.89
CA ARG E 102 -12.47 -19.88 27.44
C ARG E 102 -12.20 -20.40 28.85
N LYS E 103 -13.24 -20.76 29.59
CA LYS E 103 -13.07 -21.08 31.01
C LYS E 103 -12.19 -22.31 31.23
N GLU E 104 -12.17 -23.24 30.28
CA GLU E 104 -11.44 -24.49 30.47
C GLU E 104 -9.96 -24.39 30.16
N ALA E 105 -9.57 -23.53 29.22
CA ALA E 105 -8.17 -23.38 28.88
C ALA E 105 -7.38 -22.79 30.04
N THR E 106 -6.14 -23.23 30.20
CA THR E 106 -5.30 -22.73 31.28
C THR E 106 -3.90 -22.40 30.78
N THR E 107 -3.17 -23.40 30.29
CA THR E 107 -1.81 -23.22 29.79
C THR E 107 -1.76 -23.51 28.29
N TRP E 108 -0.55 -23.41 27.74
CA TRP E 108 -0.38 -23.47 26.29
C TRP E 108 -0.77 -24.82 25.70
N LYS E 109 -0.59 -25.91 26.45
CA LYS E 109 -0.78 -27.24 25.87
C LYS E 109 -2.26 -27.54 25.66
N GLU E 110 -3.10 -27.23 26.67
CA GLU E 110 -4.50 -27.61 26.59
C GLU E 110 -5.24 -26.86 25.50
N ALA E 111 -4.76 -25.69 25.08
CA ALA E 111 -5.44 -24.97 24.00
C ALA E 111 -5.31 -25.73 22.68
N ILE E 112 -4.10 -26.14 22.32
CA ILE E 112 -3.95 -26.93 21.10
C ILE E 112 -4.64 -28.28 21.26
N ALA E 113 -4.68 -28.83 22.48
CA ALA E 113 -5.44 -30.07 22.68
C ALA E 113 -6.91 -29.86 22.39
N LEU E 114 -7.47 -28.73 22.82
CA LEU E 114 -8.89 -28.47 22.58
C LEU E 114 -9.14 -28.27 21.09
N ILE E 115 -8.23 -27.61 20.39
CA ILE E 115 -8.42 -27.41 18.95
C ILE E 115 -8.43 -28.76 18.24
N ARG E 116 -7.45 -29.60 18.54
CA ARG E 116 -7.36 -30.89 17.86
C ARG E 116 -8.53 -31.80 18.22
N GLU E 117 -9.09 -31.66 19.42
CA GLU E 117 -10.17 -32.55 19.82
C GLU E 117 -11.53 -32.08 19.29
N HIS E 118 -11.81 -30.77 19.25
CA HIS E 118 -13.15 -30.31 18.78
C HIS E 118 -13.22 -30.04 17.26
N PHE E 119 -12.11 -29.97 16.51
CA PHE E 119 -12.31 -29.90 15.03
C PHE E 119 -12.10 -31.24 14.32
N SER E 120 -10.95 -31.89 14.50
CA SER E 120 -10.73 -33.19 13.82
C SER E 120 -10.55 -34.31 14.86
N PRO E 121 -11.58 -35.15 15.09
CA PRO E 121 -11.43 -36.17 16.11
C PRO E 121 -10.66 -37.37 15.57
N THR E 122 -10.07 -38.21 16.42
CA THR E 122 -9.39 -39.35 15.78
C THR E 122 -10.47 -40.18 15.10
N LYS E 123 -10.37 -40.46 13.80
CA LYS E 123 -11.40 -41.22 13.07
C LYS E 123 -11.34 -42.69 13.45
N PRO E 124 -12.44 -43.42 13.53
CA PRO E 124 -12.40 -44.87 13.78
C PRO E 124 -11.97 -45.64 12.54
N ALA E 125 -11.48 -46.86 12.77
CA ALA E 125 -10.73 -47.59 11.74
C ALA E 125 -11.57 -47.90 10.51
N TYR E 126 -12.83 -48.32 10.70
CA TYR E 126 -13.56 -48.89 9.56
C TYR E 126 -13.87 -47.85 8.48
N GLN E 127 -14.09 -46.59 8.86
CA GLN E 127 -14.29 -45.58 7.82
C GLN E 127 -13.02 -45.35 7.03
N ILE E 128 -11.86 -45.44 7.68
CA ILE E 128 -10.60 -45.26 6.97
C ILE E 128 -10.40 -46.41 5.99
N TYR E 129 -10.70 -47.63 6.41
CA TYR E 129 -10.56 -48.75 5.48
C TYR E 129 -11.55 -48.64 4.32
N MET E 130 -12.76 -48.14 4.56
CA MET E 130 -13.67 -47.96 3.44
C MET E 130 -13.22 -46.86 2.49
N GLU E 131 -12.59 -45.82 3.06
CA GLU E 131 -12.05 -44.70 2.25
C GLU E 131 -10.99 -45.33 1.35
N PHE E 132 -10.20 -46.24 1.92
CA PHE E 132 -9.18 -47.01 1.18
C PHE E 132 -9.92 -47.95 0.21
N PHE E 133 -9.37 -48.11 -0.99
CA PHE E 133 -9.86 -48.94 -2.13
C PHE E 133 -10.92 -48.18 -2.93
N GLN E 134 -11.28 -46.96 -2.50
CA GLN E 134 -12.24 -46.16 -3.32
C GLN E 134 -11.41 -45.27 -4.25
N ASN E 135 -11.97 -44.91 -5.42
CA ASN E 135 -11.28 -44.02 -6.40
C ASN E 135 -9.92 -44.54 -6.86
N LYS E 136 -9.89 -45.66 -7.60
CA LYS E 136 -8.63 -46.23 -8.17
C LYS E 136 -8.01 -45.16 -9.10
N GLN E 137 -6.68 -45.02 -9.11
CA GLN E 137 -6.13 -43.88 -9.84
C GLN E 137 -6.46 -43.94 -11.32
N ASP E 138 -6.69 -42.75 -11.89
CA ASP E 138 -7.01 -42.58 -13.29
C ASP E 138 -5.75 -42.48 -14.14
N ASP E 139 -5.94 -42.49 -15.47
CA ASP E 139 -4.81 -42.54 -16.39
C ASP E 139 -3.91 -41.33 -16.29
N HIS E 140 -4.45 -40.18 -15.90
CA HIS E 140 -3.69 -38.94 -15.96
C HIS E 140 -2.82 -38.68 -14.73
N ASP E 141 -3.21 -39.17 -13.57
CA ASP E 141 -2.52 -38.78 -12.33
C ASP E 141 -1.12 -39.39 -12.30
N PRO E 142 -0.09 -38.59 -12.07
CA PRO E 142 1.28 -39.11 -11.98
C PRO E 142 1.48 -39.96 -10.73
N ILE E 143 2.50 -40.83 -10.78
CA ILE E 143 2.76 -41.79 -9.67
C ILE E 143 3.07 -41.09 -8.35
N ASP E 144 3.88 -40.01 -8.38
CA ASP E 144 4.28 -39.33 -7.12
C ASP E 144 3.06 -38.74 -6.40
N THR E 145 2.17 -38.06 -7.13
CA THR E 145 1.00 -37.41 -6.46
C THR E 145 0.13 -38.48 -5.80
N PHE E 146 -0.12 -39.58 -6.51
CA PHE E 146 -0.96 -40.70 -6.01
C PHE E 146 -0.32 -41.37 -4.78
N VAL E 147 1.00 -41.58 -4.79
CA VAL E 147 1.67 -42.29 -3.66
C VAL E 147 1.68 -41.45 -2.36
N ILE E 148 1.88 -40.14 -2.47
CA ILE E 148 2.00 -39.27 -1.30
C ILE E 148 0.66 -39.15 -0.59
N GLN E 149 -0.43 -39.07 -1.34
CA GLN E 149 -1.73 -38.98 -0.70
C GLN E 149 -2.10 -40.30 -0.01
N LYS E 150 -1.90 -41.42 -0.69
CA LYS E 150 -2.29 -42.70 -0.11
C LYS E 150 -1.44 -43.06 1.10
N ARG E 151 -0.21 -42.55 1.18
CA ARG E 151 0.56 -42.78 2.40
C ARG E 151 0.19 -41.79 3.49
N ALA E 152 -0.13 -40.55 3.14
CA ALA E 152 -0.55 -39.61 4.17
C ALA E 152 -1.87 -40.03 4.81
N LEU E 153 -2.74 -40.70 4.06
CA LEU E 153 -4.02 -41.12 4.63
C LEU E 153 -3.93 -42.40 5.46
N LEU E 154 -2.83 -43.13 5.37
CA LEU E 154 -2.69 -44.40 6.08
C LEU E 154 -2.08 -44.24 7.47
N ALA E 155 -1.69 -43.03 7.86
CA ALA E 155 -1.07 -42.80 9.16
C ALA E 155 -2.06 -42.58 10.29
N GLN E 156 -3.36 -42.48 9.99
CA GLN E 156 -4.35 -42.24 11.04
C GLN E 156 -4.75 -43.52 11.79
N LEU E 157 -4.32 -44.68 11.33
CA LEU E 157 -4.60 -45.92 12.03
C LEU E 157 -3.77 -45.98 13.31
N PRO E 158 -4.18 -46.80 14.27
CA PRO E 158 -3.47 -46.84 15.55
C PRO E 158 -2.02 -47.27 15.37
N SER E 159 -1.14 -46.66 16.15
CA SER E 159 0.30 -46.76 15.89
C SER E 159 0.82 -48.18 16.09
N GLY E 160 1.71 -48.60 15.20
CA GLY E 160 2.43 -49.85 15.37
C GLY E 160 1.69 -51.09 14.91
N ARG E 161 0.52 -50.95 14.31
CA ARG E 161 -0.25 -52.12 13.91
C ARG E 161 0.17 -52.70 12.56
N HIS E 162 1.07 -52.06 11.83
CA HIS E 162 1.41 -52.54 10.51
C HIS E 162 2.88 -52.24 10.20
N ASP E 163 3.56 -53.23 9.62
CA ASP E 163 4.91 -53.08 9.10
C ASP E 163 4.90 -52.70 7.62
N GLU E 164 6.09 -52.41 7.10
CA GLU E 164 6.20 -51.93 5.73
C GLU E 164 5.71 -52.93 4.71
N GLU E 165 5.91 -54.23 4.97
CA GLU E 165 5.62 -55.23 3.96
C GLU E 165 4.13 -55.32 3.67
N THR E 166 3.30 -55.44 4.71
CA THR E 166 1.87 -55.52 4.50
C THR E 166 1.31 -54.22 3.96
N GLU E 167 1.93 -53.09 4.32
CA GLU E 167 1.46 -51.81 3.78
C GLU E 167 1.67 -51.74 2.28
N LEU E 168 2.88 -52.11 1.82
CA LEU E 168 3.12 -52.12 0.39
C LEU E 168 2.26 -53.18 -0.31
N ASP E 169 1.99 -54.29 0.35
CA ASP E 169 1.12 -55.30 -0.25
C ASP E 169 -0.31 -54.79 -0.40
N LEU E 170 -0.78 -53.96 0.53
CA LEU E 170 -2.10 -53.37 0.38
C LEU E 170 -2.10 -52.35 -0.76
N LEU E 171 -1.05 -51.54 -0.86
CA LEU E 171 -1.06 -50.46 -1.85
C LEU E 171 -1.00 -50.98 -3.28
N PHE E 172 -0.47 -52.19 -3.48
CA PHE E 172 -0.18 -52.68 -4.83
C PHE E 172 -1.38 -53.40 -5.43
N GLY E 173 -2.55 -52.79 -5.33
CA GLY E 173 -3.75 -53.39 -5.87
C GLY E 173 -4.67 -52.38 -6.52
N LEU E 174 -4.20 -51.15 -6.68
CA LEU E 174 -4.99 -50.09 -7.30
C LEU E 174 -4.29 -49.38 -8.44
N LEU E 175 -3.02 -49.67 -8.71
CA LEU E 175 -2.33 -49.04 -9.83
C LEU E 175 -2.94 -49.49 -11.15
N ASN E 176 -2.95 -48.59 -12.12
CA ASN E 176 -3.53 -48.86 -13.42
C ASN E 176 -2.78 -49.98 -14.15
N ILE E 177 -3.37 -50.42 -15.26
CA ILE E 177 -2.75 -51.45 -16.08
C ILE E 177 -1.43 -50.98 -16.66
N LYS E 178 -1.23 -49.66 -16.77
CA LYS E 178 -0.05 -49.15 -17.44
C LYS E 178 1.21 -49.43 -16.64
N TYR E 179 1.19 -49.15 -15.35
CA TYR E 179 2.38 -49.36 -14.51
C TYR E 179 2.56 -50.79 -14.04
N ARG E 180 1.53 -51.63 -14.15
CA ARG E 180 1.58 -52.96 -13.55
C ARG E 180 2.13 -54.02 -14.49
N LYS E 181 2.03 -53.81 -15.80
CA LYS E 181 2.42 -54.85 -16.75
C LYS E 181 3.92 -55.12 -16.72
N HIS E 182 4.73 -54.14 -16.31
CA HIS E 182 6.18 -54.28 -16.42
C HIS E 182 6.82 -54.68 -15.08
N ILE E 183 6.62 -53.88 -14.04
CA ILE E 183 7.10 -54.29 -12.72
C ILE E 183 6.20 -55.39 -12.17
N SER E 184 6.78 -56.24 -11.33
CA SER E 184 6.03 -57.34 -10.73
C SER E 184 6.39 -57.43 -9.26
N ARG E 185 5.46 -57.96 -8.47
CA ARG E 185 5.54 -57.85 -7.02
C ARG E 185 6.77 -58.56 -6.46
N HIS E 186 7.28 -59.57 -7.15
CA HIS E 186 8.47 -60.24 -6.65
C HIS E 186 9.70 -59.35 -6.70
N SER E 187 9.70 -58.32 -7.55
CA SER E 187 10.90 -57.51 -7.73
C SER E 187 11.10 -56.52 -6.59
N VAL E 188 10.17 -55.56 -6.45
CA VAL E 188 10.32 -54.52 -5.45
C VAL E 188 10.26 -55.14 -4.05
N HIS E 189 11.07 -54.61 -3.14
CA HIS E 189 11.10 -55.06 -1.75
C HIS E 189 10.60 -53.96 -0.82
N THR E 190 11.40 -52.93 -0.59
CA THR E 190 11.05 -51.86 0.31
C THR E 190 10.02 -50.93 -0.34
N PHE E 191 9.72 -49.82 0.33
CA PHE E 191 8.73 -48.86 -0.13
C PHE E 191 9.32 -47.75 -0.98
N LYS E 192 10.61 -47.81 -1.29
CA LYS E 192 11.28 -46.78 -2.07
C LYS E 192 11.55 -47.17 -3.52
N ASP E 193 11.85 -48.44 -3.80
CA ASP E 193 12.19 -48.83 -5.17
C ASP E 193 11.02 -48.67 -6.12
N LEU E 194 9.79 -48.77 -5.61
CA LEU E 194 8.63 -48.65 -6.48
C LEU E 194 8.58 -47.28 -7.14
N LEU E 195 8.98 -46.24 -6.42
CA LEU E 195 9.01 -44.90 -7.02
C LEU E 195 10.03 -44.82 -8.15
N GLU E 196 11.18 -45.48 -7.97
CA GLU E 196 12.21 -45.40 -9.00
C GLU E 196 11.79 -46.14 -10.26
N GLN E 197 11.31 -47.37 -10.12
CA GLN E 197 10.88 -48.11 -11.30
C GLN E 197 9.67 -47.44 -11.95
N GLY E 198 8.79 -46.84 -11.17
CA GLY E 198 7.68 -46.12 -11.75
C GLY E 198 8.12 -44.89 -12.51
N ARG E 199 9.13 -44.19 -12.00
CA ARG E 199 9.60 -43.01 -12.71
C ARG E 199 10.27 -43.38 -14.03
N ILE E 200 11.09 -44.44 -14.02
CA ILE E 200 11.74 -44.83 -15.27
C ILE E 200 10.71 -45.35 -16.27
N ILE E 201 9.65 -46.03 -15.81
CA ILE E 201 8.64 -46.46 -16.76
C ILE E 201 7.77 -45.31 -17.21
N GLU E 202 7.64 -44.25 -16.41
CA GLU E 202 6.84 -43.09 -16.77
C GLU E 202 7.59 -42.09 -17.62
N HIS E 203 8.92 -42.20 -17.72
CA HIS E 203 9.67 -41.30 -18.59
C HIS E 203 9.30 -41.46 -20.05
N ASN E 204 8.85 -42.64 -20.45
CA ASN E 204 8.50 -42.91 -21.84
C ASN E 204 7.00 -43.09 -22.04
N GLY F 41 10.24 5.96 21.09
CA GLY F 41 9.42 6.22 22.24
C GLY F 41 8.38 7.30 22.02
N LYS F 42 8.15 7.68 20.76
CA LYS F 42 7.12 8.65 20.41
C LYS F 42 6.65 8.39 18.99
N GLY F 43 5.44 8.85 18.70
CA GLY F 43 4.87 8.69 17.38
C GLY F 43 3.37 8.86 17.43
N ASN F 44 2.79 9.14 16.27
CA ASN F 44 1.36 9.33 16.12
C ASN F 44 0.68 8.05 15.63
N PHE F 45 -0.65 8.06 15.69
CA PHE F 45 -1.47 6.98 15.18
C PHE F 45 -1.73 7.09 13.69
N SER F 46 -1.16 8.09 13.02
CA SER F 46 -1.52 8.40 11.64
C SER F 46 -1.26 7.24 10.69
N ALA F 47 -0.25 6.42 10.98
CA ALA F 47 0.07 5.25 10.15
C ALA F 47 -0.71 3.97 10.44
N CYS F 48 -2.03 4.11 10.56
CA CYS F 48 -2.90 2.97 10.80
C CYS F 48 -4.03 2.83 9.80
N THR F 49 -4.60 1.63 9.75
CA THR F 49 -5.66 1.31 8.81
C THR F 49 -7.00 1.06 9.48
N HIS F 50 -7.09 1.18 10.80
CA HIS F 50 -8.32 0.90 11.52
C HIS F 50 -9.08 2.18 11.83
N SER F 51 -10.40 2.11 11.78
CA SER F 51 -11.26 3.23 12.12
C SER F 51 -12.61 2.70 12.56
N PHE F 52 -13.21 3.36 13.54
CA PHE F 52 -14.45 2.89 14.18
C PHE F 52 -15.53 3.94 13.96
N GLY F 53 -16.48 3.64 13.08
CA GLY F 53 -17.52 4.58 12.75
C GLY F 53 -18.71 4.63 13.70
N GLY F 54 -18.79 3.68 14.64
CA GLY F 54 -19.90 3.67 15.56
C GLY F 54 -21.07 2.82 15.11
N THR F 55 -21.15 1.59 15.62
CA THR F 55 -22.27 0.71 15.39
C THR F 55 -22.51 -0.10 16.67
N ARG F 56 -23.77 -0.30 17.02
CA ARG F 56 -24.12 -0.91 18.31
C ARG F 56 -24.11 -2.43 18.16
N ASP F 57 -22.93 -3.00 18.32
CA ASP F 57 -22.75 -4.45 18.34
C ASP F 57 -21.62 -4.77 19.31
N HIS F 58 -21.14 -6.01 19.28
CA HIS F 58 -20.06 -6.45 20.16
C HIS F 58 -18.77 -6.77 19.42
N ASP F 59 -18.87 -7.55 18.34
CA ASP F 59 -17.67 -8.04 17.68
C ASP F 59 -16.82 -6.91 17.11
N VAL F 60 -17.47 -5.86 16.59
CA VAL F 60 -16.72 -4.78 15.95
C VAL F 60 -15.94 -3.99 17.00
N VAL F 61 -16.61 -3.63 18.10
CA VAL F 61 -15.93 -2.87 19.14
C VAL F 61 -14.81 -3.69 19.76
N GLU F 62 -15.02 -4.99 19.92
CA GLU F 62 -13.98 -5.82 20.53
C GLU F 62 -12.76 -5.92 19.62
N GLU F 63 -12.99 -6.18 18.33
CA GLU F 63 -11.86 -6.30 17.41
C GLU F 63 -11.11 -4.98 17.26
N PHE F 64 -11.84 -3.86 17.27
CA PHE F 64 -11.17 -2.57 17.14
C PHE F 64 -10.32 -2.27 18.37
N ILE F 65 -10.86 -2.51 19.56
CA ILE F 65 -10.09 -2.22 20.76
C ILE F 65 -8.86 -3.12 20.85
N GLY F 66 -8.99 -4.37 20.39
CA GLY F 66 -7.84 -5.26 20.42
C GLY F 66 -6.76 -4.85 19.44
N ASN F 67 -7.16 -4.40 18.25
CA ASN F 67 -6.15 -3.97 17.27
C ASN F 67 -5.44 -2.72 17.75
N ILE F 68 -6.18 -1.77 18.34
CA ILE F 68 -5.52 -0.57 18.86
C ILE F 68 -4.56 -0.91 19.99
N GLU F 69 -4.93 -1.88 20.83
CA GLU F 69 -4.03 -2.26 21.92
C GLU F 69 -2.76 -2.89 21.38
N THR F 70 -2.88 -3.78 20.39
CA THR F 70 -1.68 -4.41 19.84
C THR F 70 -0.80 -3.39 19.14
N TYR F 71 -1.39 -2.41 18.46
CA TYR F 71 -0.60 -1.39 17.79
C TYR F 71 0.19 -0.55 18.80
N LYS F 72 -0.48 -0.12 19.86
CA LYS F 72 0.21 0.69 20.87
C LYS F 72 1.30 -0.11 21.56
N ASP F 73 1.07 -1.41 21.77
CA ASP F 73 2.12 -2.21 22.39
C ASP F 73 3.29 -2.47 21.44
N VAL F 74 3.03 -2.50 20.13
CA VAL F 74 4.09 -2.87 19.20
C VAL F 74 4.98 -1.67 18.86
N GLU F 75 4.42 -0.48 18.67
CA GLU F 75 5.26 0.64 18.27
C GLU F 75 5.85 1.42 19.45
N GLY F 76 5.58 1.01 20.68
CA GLY F 76 6.28 1.55 21.84
C GLY F 76 5.76 2.87 22.37
N ILE F 77 4.63 3.37 21.86
CA ILE F 77 4.08 4.64 22.34
C ILE F 77 3.70 4.52 23.82
N SER F 78 3.98 5.57 24.59
CA SER F 78 3.70 5.56 26.02
C SER F 78 2.27 6.00 26.31
N ASP F 79 1.87 5.84 27.58
CA ASP F 79 0.46 5.98 27.93
C ASP F 79 -0.01 7.43 27.86
N GLU F 80 0.69 8.35 28.51
CA GLU F 80 0.21 9.74 28.53
C GLU F 80 0.52 10.49 27.25
N ASN F 81 1.52 10.05 26.48
CA ASN F 81 1.76 10.62 25.17
C ASN F 81 0.81 10.07 24.12
N ALA F 82 0.08 9.00 24.42
CA ALA F 82 -0.81 8.38 23.46
C ALA F 82 -2.21 8.98 23.47
N LEU F 83 -2.69 9.45 24.62
CA LEU F 83 -4.05 9.95 24.69
C LEU F 83 -4.25 11.20 23.84
N LYS F 84 -3.22 12.03 23.71
CA LYS F 84 -3.37 13.27 22.94
C LYS F 84 -3.63 13.00 21.47
N GLY F 85 -3.11 11.92 20.93
CA GLY F 85 -3.25 11.61 19.53
C GLY F 85 -4.47 10.80 19.15
N ILE F 86 -5.33 10.47 20.11
CA ILE F 86 -6.40 9.51 19.84
C ILE F 86 -7.43 10.04 18.85
N SER F 87 -7.53 11.36 18.69
CA SER F 87 -8.60 11.94 17.90
C SER F 87 -8.53 11.56 16.43
N LEU F 88 -7.35 11.18 15.92
CA LEU F 88 -7.21 10.94 14.48
C LEU F 88 -7.93 9.69 14.00
N LEU F 89 -8.30 8.78 14.90
CA LEU F 89 -8.89 7.51 14.45
C LEU F 89 -10.37 7.64 14.15
N PHE F 90 -11.10 8.42 14.95
CA PHE F 90 -12.55 8.49 14.80
C PHE F 90 -12.93 9.26 13.54
N TYR F 91 -14.11 8.92 13.00
CA TYR F 91 -14.66 9.61 11.85
C TYR F 91 -16.18 9.53 11.91
N GLY F 92 -16.84 10.47 11.25
CA GLY F 92 -18.30 10.48 11.26
C GLY F 92 -18.84 10.73 12.65
N MET F 93 -19.84 9.93 13.03
CA MET F 93 -20.54 10.14 14.29
C MET F 93 -19.61 10.01 15.49
N ALA F 94 -18.61 9.15 15.40
CA ALA F 94 -17.69 8.98 16.52
C ALA F 94 -16.90 10.25 16.78
N SER F 95 -16.61 11.03 15.73
CA SER F 95 -15.86 12.26 15.94
C SER F 95 -16.69 13.28 16.72
N THR F 96 -17.97 13.42 16.38
CA THR F 96 -18.83 14.32 17.13
C THR F 96 -19.01 13.83 18.56
N TRP F 97 -19.07 12.50 18.75
CA TRP F 97 -19.20 11.98 20.10
C TRP F 97 -17.97 12.28 20.94
N TRP F 98 -16.77 12.09 20.38
CA TRP F 98 -15.57 12.42 21.13
C TRP F 98 -15.44 13.92 21.37
N GLN F 99 -15.94 14.73 20.43
CA GLN F 99 -15.94 16.17 20.66
C GLN F 99 -16.86 16.52 21.82
N GLY F 100 -17.91 15.74 22.02
CA GLY F 100 -18.77 15.97 23.16
C GLY F 100 -18.08 15.75 24.49
N VAL F 101 -17.92 14.48 24.86
CA VAL F 101 -17.36 14.12 26.16
C VAL F 101 -15.84 14.04 26.02
N ARG F 102 -15.14 15.01 26.60
CA ARG F 102 -13.69 14.99 26.59
C ARG F 102 -13.05 15.38 27.92
N LYS F 103 -13.68 16.24 28.72
CA LYS F 103 -13.09 16.64 30.00
C LYS F 103 -13.23 15.59 31.08
N GLU F 104 -14.07 14.57 30.89
CA GLU F 104 -14.20 13.50 31.86
C GLU F 104 -13.06 12.49 31.79
N ALA F 105 -12.26 12.50 30.74
CA ALA F 105 -11.11 11.62 30.60
C ALA F 105 -9.86 12.27 31.16
N THR F 106 -8.91 11.43 31.57
CA THR F 106 -7.60 11.90 32.02
C THR F 106 -6.45 10.97 31.68
N THR F 107 -6.66 9.65 31.63
CA THR F 107 -5.64 8.68 31.25
C THR F 107 -6.23 7.69 30.26
N TRP F 108 -5.37 6.79 29.78
CA TRP F 108 -5.77 5.84 28.73
C TRP F 108 -6.90 4.92 29.21
N LYS F 109 -6.84 4.52 30.47
CA LYS F 109 -7.80 3.55 31.00
C LYS F 109 -9.22 4.11 30.98
N GLU F 110 -9.37 5.38 31.35
CA GLU F 110 -10.69 5.99 31.36
C GLU F 110 -11.25 6.07 29.94
N ALA F 111 -10.38 6.28 28.95
CA ALA F 111 -10.87 6.37 27.58
C ALA F 111 -11.40 5.03 27.09
N ILE F 112 -10.66 3.94 27.36
CA ILE F 112 -11.19 2.63 26.96
C ILE F 112 -12.48 2.32 27.69
N ALA F 113 -12.56 2.68 28.97
CA ALA F 113 -13.79 2.38 29.72
C ALA F 113 -14.98 3.14 29.16
N LEU F 114 -14.77 4.41 28.80
CA LEU F 114 -15.87 5.19 28.24
C LEU F 114 -16.33 4.64 26.90
N ILE F 115 -15.38 4.25 26.03
CA ILE F 115 -15.79 3.71 24.75
C ILE F 115 -16.60 2.43 24.93
N ARG F 116 -16.11 1.54 25.81
CA ARG F 116 -16.79 0.27 26.00
C ARG F 116 -18.17 0.46 26.60
N GLU F 117 -18.27 1.41 27.55
CA GLU F 117 -19.53 1.74 28.28
C GLU F 117 -20.61 2.36 27.37
N HIS F 118 -20.24 3.33 26.53
CA HIS F 118 -21.18 3.98 25.62
C HIS F 118 -21.47 3.23 24.33
N PHE F 119 -20.62 2.29 23.89
CA PHE F 119 -20.87 1.68 22.59
C PHE F 119 -21.11 0.17 22.63
N SER F 120 -21.35 -0.41 23.80
CA SER F 120 -21.69 -1.83 23.87
C SER F 120 -22.36 -2.15 25.19
N PRO F 121 -23.68 -1.99 25.28
CA PRO F 121 -24.35 -2.18 26.57
C PRO F 121 -24.27 -3.62 27.05
N THR F 122 -24.23 -3.78 28.36
CA THR F 122 -24.33 -5.10 28.98
C THR F 122 -25.81 -5.49 29.08
N LYS F 123 -26.18 -6.60 28.45
CA LYS F 123 -27.56 -7.03 28.50
C LYS F 123 -27.90 -7.56 29.89
N PRO F 124 -29.07 -7.23 30.43
CA PRO F 124 -29.46 -7.77 31.73
C PRO F 124 -29.75 -9.26 31.68
N ALA F 125 -30.23 -9.82 32.78
CA ALA F 125 -30.35 -11.28 32.86
C ALA F 125 -31.48 -11.81 32.00
N TYR F 126 -32.68 -11.25 32.12
CA TYR F 126 -33.86 -11.95 31.60
C TYR F 126 -33.89 -12.00 30.07
N GLN F 127 -33.30 -11.01 29.40
CA GLN F 127 -33.34 -11.01 27.93
C GLN F 127 -32.59 -12.19 27.34
N ILE F 128 -31.51 -12.62 27.98
CA ILE F 128 -30.78 -13.78 27.47
C ILE F 128 -31.64 -15.03 27.55
N TYR F 129 -32.34 -15.22 28.67
CA TYR F 129 -33.21 -16.38 28.80
C TYR F 129 -34.36 -16.31 27.80
N MET F 130 -34.87 -15.11 27.54
CA MET F 130 -35.96 -15.00 26.58
C MET F 130 -35.49 -15.31 25.16
N GLU F 131 -34.29 -14.84 24.82
CA GLU F 131 -33.70 -15.08 23.46
C GLU F 131 -33.41 -16.57 23.28
N PHE F 132 -32.97 -17.23 24.34
CA PHE F 132 -32.53 -18.66 24.34
C PHE F 132 -33.64 -19.65 23.96
N PHE F 133 -34.89 -19.40 24.37
CA PHE F 133 -36.00 -20.37 24.12
C PHE F 133 -36.88 -19.98 22.93
N GLN F 134 -36.46 -19.03 22.10
CA GLN F 134 -37.31 -18.58 20.96
C GLN F 134 -36.71 -19.01 19.60
N ASN F 135 -35.98 -20.13 19.54
CA ASN F 135 -35.34 -20.47 18.27
C ASN F 135 -34.90 -21.93 18.27
N LYS F 136 -35.83 -22.83 17.95
CA LYS F 136 -35.51 -24.24 17.82
C LYS F 136 -34.80 -24.52 16.49
N GLN F 137 -34.00 -25.58 16.47
CA GLN F 137 -33.20 -25.87 15.29
C GLN F 137 -34.06 -26.39 14.15
N ASP F 138 -33.66 -26.08 12.93
CA ASP F 138 -34.35 -26.51 11.73
C ASP F 138 -33.83 -27.86 11.25
N ASP F 139 -34.54 -28.45 10.29
CA ASP F 139 -34.17 -29.77 9.77
C ASP F 139 -32.82 -29.75 9.08
N HIS F 140 -32.42 -28.62 8.51
CA HIS F 140 -31.19 -28.50 7.75
C HIS F 140 -30.19 -27.69 8.56
N ASP F 141 -29.54 -28.34 9.52
CA ASP F 141 -28.46 -27.69 10.24
C ASP F 141 -27.66 -28.70 11.06
N PRO F 142 -26.35 -28.79 10.83
CA PRO F 142 -25.53 -29.74 11.58
C PRO F 142 -25.47 -29.41 13.06
N ILE F 143 -25.24 -30.47 13.85
CA ILE F 143 -25.24 -30.36 15.31
C ILE F 143 -24.21 -29.35 15.80
N ASP F 144 -23.08 -29.24 15.09
CA ASP F 144 -21.97 -28.45 15.60
C ASP F 144 -22.31 -26.97 15.66
N THR F 145 -22.85 -26.42 14.58
CA THR F 145 -23.16 -24.99 14.56
C THR F 145 -24.20 -24.63 15.61
N PHE F 146 -25.20 -25.50 15.79
CA PHE F 146 -26.26 -25.22 16.75
C PHE F 146 -25.72 -25.24 18.17
N VAL F 147 -24.96 -26.28 18.52
CA VAL F 147 -24.43 -26.35 19.87
C VAL F 147 -23.46 -25.20 20.13
N ILE F 148 -22.69 -24.80 19.11
CA ILE F 148 -21.73 -23.72 19.31
C ILE F 148 -22.45 -22.40 19.56
N GLN F 149 -23.51 -22.13 18.79
CA GLN F 149 -24.24 -20.88 18.99
C GLN F 149 -24.93 -20.84 20.36
N LYS F 150 -25.66 -21.92 20.69
CA LYS F 150 -26.37 -21.92 21.96
C LYS F 150 -25.42 -21.89 23.15
N ARG F 151 -24.20 -22.41 22.99
CA ARG F 151 -23.22 -22.27 24.06
C ARG F 151 -22.65 -20.86 24.12
N ALA F 152 -22.43 -20.24 22.97
CA ALA F 152 -21.89 -18.88 22.97
C ALA F 152 -22.88 -17.88 23.55
N LEU F 153 -24.17 -18.18 23.48
CA LEU F 153 -25.15 -17.25 24.03
C LEU F 153 -25.32 -17.37 25.54
N LEU F 154 -24.73 -18.38 26.17
CA LEU F 154 -24.99 -18.64 27.58
C LEU F 154 -23.89 -18.14 28.52
N ALA F 155 -22.75 -17.72 27.98
CA ALA F 155 -21.64 -17.31 28.84
C ALA F 155 -21.78 -15.89 29.36
N GLN F 156 -22.76 -15.12 28.91
CA GLN F 156 -22.94 -13.75 29.37
C GLN F 156 -23.65 -13.65 30.72
N LEU F 157 -24.18 -14.75 31.24
CA LEU F 157 -24.73 -14.73 32.59
C LEU F 157 -23.59 -14.63 33.59
N PRO F 158 -23.87 -14.15 34.81
CA PRO F 158 -22.81 -13.98 35.79
C PRO F 158 -22.15 -15.32 36.13
N SER F 159 -20.84 -15.28 36.35
CA SER F 159 -20.06 -16.50 36.46
C SER F 159 -20.43 -17.27 37.72
N GLY F 160 -20.38 -18.60 37.61
CA GLY F 160 -20.60 -19.46 38.75
C GLY F 160 -22.05 -19.74 39.05
N ARG F 161 -22.98 -19.26 38.22
CA ARG F 161 -24.40 -19.48 38.46
C ARG F 161 -24.90 -20.83 37.95
N HIS F 162 -24.08 -21.58 37.20
CA HIS F 162 -24.55 -22.83 36.63
C HIS F 162 -23.38 -23.78 36.47
N ASP F 163 -23.70 -25.06 36.65
CA ASP F 163 -22.81 -26.24 36.51
C ASP F 163 -23.13 -26.91 35.17
N GLU F 164 -22.26 -27.80 34.71
CA GLU F 164 -22.44 -28.49 33.40
C GLU F 164 -23.72 -29.32 33.36
N GLU F 165 -24.10 -29.98 34.46
CA GLU F 165 -25.25 -30.88 34.42
C GLU F 165 -26.53 -30.11 34.12
N THR F 166 -26.79 -29.05 34.89
CA THR F 166 -28.01 -28.27 34.67
C THR F 166 -28.01 -27.60 33.30
N GLU F 167 -26.86 -27.16 32.81
CA GLU F 167 -26.82 -26.53 31.50
C GLU F 167 -27.15 -27.53 30.40
N LEU F 168 -26.55 -28.73 30.47
CA LEU F 168 -26.88 -29.74 29.47
C LEU F 168 -28.34 -30.17 29.57
N ASP F 169 -28.91 -30.20 30.78
CA ASP F 169 -30.33 -30.51 30.89
C ASP F 169 -31.17 -29.41 30.23
N LEU F 170 -30.76 -28.16 30.38
CA LEU F 170 -31.47 -27.08 29.71
C LEU F 170 -31.34 -27.17 28.20
N LEU F 171 -30.22 -27.69 27.70
CA LEU F 171 -30.00 -27.69 26.24
C LEU F 171 -30.98 -28.60 25.51
N PHE F 172 -31.40 -29.70 26.12
CA PHE F 172 -32.43 -30.53 25.51
C PHE F 172 -33.77 -29.80 25.53
N GLY F 173 -34.74 -30.40 24.86
CA GLY F 173 -36.02 -29.77 24.65
C GLY F 173 -36.06 -28.85 23.46
N LEU F 174 -34.94 -28.70 22.75
CA LEU F 174 -34.90 -27.95 21.51
C LEU F 174 -34.35 -28.73 20.34
N LEU F 175 -33.65 -29.85 20.58
CA LEU F 175 -33.10 -30.63 19.49
C LEU F 175 -34.21 -31.22 18.63
N ASN F 176 -34.01 -31.21 17.32
CA ASN F 176 -35.02 -31.63 16.37
C ASN F 176 -35.18 -33.15 16.40
N ILE F 177 -36.34 -33.62 15.92
CA ILE F 177 -36.77 -35.00 16.10
C ILE F 177 -35.79 -36.02 15.52
N LYS F 178 -34.98 -35.61 14.54
CA LYS F 178 -34.08 -36.57 13.90
C LYS F 178 -33.05 -37.14 14.88
N TYR F 179 -32.68 -36.38 15.92
CA TYR F 179 -31.68 -36.83 16.87
C TYR F 179 -32.26 -37.34 18.18
N ARG F 180 -33.47 -36.91 18.55
CA ARG F 180 -34.03 -37.26 19.85
C ARG F 180 -34.61 -38.66 19.90
N LYS F 181 -34.76 -39.32 18.76
CA LYS F 181 -35.33 -40.66 18.73
C LYS F 181 -34.30 -41.76 18.99
N HIS F 182 -33.03 -41.41 19.16
CA HIS F 182 -31.99 -42.42 19.41
C HIS F 182 -31.28 -42.17 20.73
N ILE F 183 -30.46 -41.12 20.84
CA ILE F 183 -29.73 -40.87 22.07
C ILE F 183 -30.70 -40.55 23.19
N SER F 184 -30.47 -41.15 24.35
CA SER F 184 -31.33 -40.98 25.52
C SER F 184 -30.62 -40.11 26.56
N ARG F 185 -31.43 -39.40 27.35
CA ARG F 185 -30.87 -38.40 28.26
C ARG F 185 -30.00 -39.03 29.34
N HIS F 186 -30.27 -40.29 29.71
CA HIS F 186 -29.49 -40.94 30.75
C HIS F 186 -28.31 -41.74 30.20
N SER F 187 -27.87 -41.43 28.97
CA SER F 187 -26.70 -42.06 28.39
C SER F 187 -25.62 -41.06 27.99
N VAL F 188 -25.65 -39.85 28.54
CA VAL F 188 -24.70 -38.80 28.21
C VAL F 188 -24.43 -37.99 29.47
N HIS F 189 -23.22 -37.41 29.55
CA HIS F 189 -22.88 -36.57 30.69
C HIS F 189 -22.32 -35.23 30.24
N THR F 190 -21.05 -35.19 29.87
CA THR F 190 -20.40 -33.96 29.45
C THR F 190 -20.64 -33.71 27.97
N PHE F 191 -20.33 -32.48 27.54
CA PHE F 191 -20.57 -32.09 26.15
C PHE F 191 -19.74 -32.89 25.14
N LYS F 192 -18.66 -33.53 25.58
CA LYS F 192 -17.81 -34.26 24.64
C LYS F 192 -18.55 -35.42 23.98
N ASP F 193 -19.54 -36.01 24.66
CA ASP F 193 -20.21 -37.19 24.12
C ASP F 193 -21.37 -36.87 23.19
N LEU F 194 -22.09 -35.78 23.43
CA LEU F 194 -23.25 -35.47 22.59
C LEU F 194 -22.83 -35.24 21.15
N LEU F 195 -21.69 -34.57 20.94
CA LEU F 195 -21.20 -34.37 19.58
C LEU F 195 -20.82 -35.70 18.94
N GLU F 196 -20.31 -36.64 19.72
CA GLU F 196 -19.93 -37.94 19.18
C GLU F 196 -21.16 -38.70 18.70
N GLN F 197 -22.19 -38.78 19.54
CA GLN F 197 -23.40 -39.49 19.15
C GLN F 197 -24.07 -38.79 17.97
N GLY F 198 -24.01 -37.47 17.93
CA GLY F 198 -24.61 -36.76 16.81
C GLY F 198 -23.87 -37.02 15.51
N ARG F 199 -22.54 -37.11 15.57
CA ARG F 199 -21.78 -37.37 14.35
C ARG F 199 -22.05 -38.78 13.83
N ILE F 200 -22.07 -39.78 14.72
CA ILE F 200 -22.36 -41.13 14.24
C ILE F 200 -23.78 -41.23 13.72
N ILE F 201 -24.74 -40.52 14.32
CA ILE F 201 -26.08 -40.57 13.77
C ILE F 201 -26.17 -39.82 12.45
N GLU F 202 -25.30 -38.83 12.24
CA GLU F 202 -25.35 -38.08 10.99
C GLU F 202 -24.73 -38.86 9.84
N HIS F 203 -23.60 -39.52 10.06
CA HIS F 203 -22.92 -40.20 8.97
C HIS F 203 -23.72 -41.39 8.46
N ASN F 204 -24.49 -42.05 9.32
CA ASN F 204 -25.30 -43.20 8.88
C ASN F 204 -26.40 -42.77 7.91
N ASN F 205 -26.90 -41.54 8.04
CA ASN F 205 -28.00 -41.08 7.22
C ASN F 205 -27.48 -40.50 5.92
N GLY G 41 14.02 14.37 20.60
CA GLY G 41 13.21 14.05 19.43
C GLY G 41 13.06 15.20 18.45
N LYS G 42 14.15 15.52 17.77
CA LYS G 42 14.16 16.62 16.82
C LYS G 42 13.23 16.33 15.64
N GLY G 43 12.71 17.39 15.04
CA GLY G 43 11.84 17.23 13.91
C GLY G 43 11.40 18.58 13.37
N ASN G 44 10.53 18.52 12.37
CA ASN G 44 9.98 19.70 11.75
C ASN G 44 8.66 19.30 11.08
N PHE G 45 8.16 20.16 10.21
CA PHE G 45 6.87 19.96 9.57
C PHE G 45 6.94 19.11 8.30
N SER G 46 8.13 18.68 7.89
CA SER G 46 8.28 18.09 6.56
C SER G 46 7.47 16.82 6.39
N ALA G 47 7.31 16.03 7.45
CA ALA G 47 6.66 14.73 7.33
C ALA G 47 5.16 14.77 7.50
N CYS G 48 4.57 15.91 7.87
CA CYS G 48 3.16 15.95 8.20
C CYS G 48 2.30 15.64 6.98
N THR G 49 1.21 14.92 7.20
CA THR G 49 0.30 14.56 6.13
C THR G 49 -0.93 15.45 6.04
N HIS G 50 -1.14 16.34 7.02
CA HIS G 50 -2.28 17.25 6.97
C HIS G 50 -2.02 18.39 6.00
N SER G 51 -3.10 18.94 5.45
CA SER G 51 -3.01 20.03 4.51
C SER G 51 -4.36 20.74 4.44
N PHE G 52 -4.33 21.97 3.92
CA PHE G 52 -5.52 22.82 3.88
C PHE G 52 -5.55 23.58 2.57
N GLY G 53 -6.72 23.64 1.97
CA GLY G 53 -6.97 24.31 0.72
C GLY G 53 -7.56 25.70 0.92
N GLY G 54 -8.38 26.12 -0.04
CA GLY G 54 -9.07 27.39 0.02
C GLY G 54 -10.52 27.34 0.44
N THR G 55 -11.01 26.23 0.97
CA THR G 55 -12.44 26.09 1.25
C THR G 55 -12.88 27.10 2.31
N ARG G 56 -14.10 27.63 2.13
CA ARG G 56 -14.63 28.70 2.97
C ARG G 56 -15.74 28.23 3.90
N ASP G 57 -15.64 26.99 4.40
CA ASP G 57 -16.60 26.50 5.38
C ASP G 57 -16.07 26.77 6.78
N HIS G 58 -16.54 26.04 7.78
CA HIS G 58 -16.11 26.22 9.16
C HIS G 58 -15.49 24.98 9.76
N ASP G 59 -16.12 23.82 9.57
CA ASP G 59 -15.64 22.59 10.17
C ASP G 59 -14.25 22.21 9.67
N VAL G 60 -13.97 22.50 8.39
CA VAL G 60 -12.67 22.15 7.84
C VAL G 60 -11.58 22.98 8.50
N VAL G 61 -11.81 24.29 8.64
CA VAL G 61 -10.79 25.14 9.25
C VAL G 61 -10.57 24.76 10.71
N GLU G 62 -11.66 24.41 11.42
CA GLU G 62 -11.51 24.05 12.83
C GLU G 62 -10.72 22.76 12.99
N GLU G 63 -11.08 21.73 12.22
CA GLU G 63 -10.36 20.46 12.31
C GLU G 63 -8.91 20.63 11.92
N PHE G 64 -8.63 21.48 10.92
CA PHE G 64 -7.25 21.64 10.48
C PHE G 64 -6.42 22.32 11.56
N ILE G 65 -6.93 23.40 12.14
CA ILE G 65 -6.16 24.11 13.16
C ILE G 65 -5.94 23.21 14.37
N GLY G 66 -6.93 22.38 14.71
CA GLY G 66 -6.77 21.51 15.86
C GLY G 66 -5.75 20.42 15.61
N ASN G 67 -5.76 19.83 14.40
CA ASN G 67 -4.79 18.78 14.11
C ASN G 67 -3.38 19.33 14.07
N ILE G 68 -3.19 20.51 13.48
CA ILE G 68 -1.83 21.04 13.40
C ILE G 68 -1.31 21.40 14.78
N GLU G 69 -2.17 21.95 15.64
CA GLU G 69 -1.68 22.30 16.98
C GLU G 69 -1.35 21.06 17.80
N THR G 70 -2.19 20.02 17.72
CA THR G 70 -1.88 18.81 18.48
C THR G 70 -0.60 18.14 17.97
N TYR G 71 -0.35 18.19 16.66
CA TYR G 71 0.89 17.61 16.14
C TYR G 71 2.10 18.39 16.63
N LYS G 72 2.03 19.73 16.59
CA LYS G 72 3.17 20.52 17.04
C LYS G 72 3.43 20.33 18.51
N ASP G 73 2.38 20.10 19.31
CA ASP G 73 2.62 19.86 20.73
C ASP G 73 3.13 18.45 21.00
N VAL G 74 2.75 17.46 20.17
CA VAL G 74 3.14 16.09 20.46
C VAL G 74 4.57 15.82 20.05
N GLU G 75 5.01 16.30 18.89
CA GLU G 75 6.33 15.93 18.43
C GLU G 75 7.44 16.84 18.96
N GLY G 76 7.12 17.85 19.76
CA GLY G 76 8.16 18.59 20.45
C GLY G 76 8.91 19.62 19.63
N ILE G 77 8.38 20.03 18.48
CA ILE G 77 9.03 21.06 17.69
C ILE G 77 9.06 22.38 18.47
N SER G 78 10.13 23.14 18.26
CA SER G 78 10.34 24.38 19.00
C SER G 78 9.26 25.41 18.69
N ASP G 79 9.00 26.28 19.66
CA ASP G 79 7.92 27.26 19.54
C ASP G 79 8.17 28.29 18.43
N GLU G 80 9.42 28.54 18.07
CA GLU G 80 9.72 29.49 17.00
C GLU G 80 10.20 28.83 15.72
N ASN G 81 10.77 27.63 15.80
CA ASN G 81 11.28 26.96 14.60
C ASN G 81 10.15 26.61 13.64
N ALA G 82 8.94 26.38 14.15
CA ALA G 82 7.83 25.99 13.28
C ALA G 82 7.42 27.11 12.34
N LEU G 83 7.57 28.37 12.75
CA LEU G 83 7.11 29.47 11.91
C LEU G 83 7.96 29.62 10.66
N LYS G 84 9.21 29.16 10.70
CA LYS G 84 10.09 29.27 9.54
C LYS G 84 9.79 28.23 8.48
N GLY G 85 8.96 27.24 8.78
CA GLY G 85 8.68 26.20 7.82
C GLY G 85 7.21 25.88 7.66
N ILE G 86 6.34 26.83 8.01
CA ILE G 86 4.90 26.59 7.91
C ILE G 86 4.40 26.58 6.48
N SER G 87 5.21 27.06 5.52
CA SER G 87 4.72 27.21 4.15
C SER G 87 4.53 25.90 3.43
N LEU G 88 4.98 24.78 4.00
CA LEU G 88 4.86 23.48 3.36
C LEU G 88 3.50 22.83 3.57
N LEU G 89 2.51 23.57 4.05
CA LEU G 89 1.20 22.99 4.34
C LEU G 89 0.07 23.75 3.64
N PHE G 90 0.32 24.27 2.45
CA PHE G 90 -0.69 25.03 1.73
C PHE G 90 -0.76 24.59 0.28
N TYR G 91 -1.98 24.54 -0.26
CA TYR G 91 -2.23 24.19 -1.66
C TYR G 91 -1.80 25.32 -2.60
N GLY G 92 -2.29 25.27 -3.84
CA GLY G 92 -2.05 26.32 -4.80
C GLY G 92 -3.01 27.49 -4.74
N MET G 93 -4.10 27.38 -3.99
CA MET G 93 -5.07 28.47 -3.91
C MET G 93 -4.82 29.40 -2.73
N ALA G 94 -4.14 28.94 -1.69
CA ALA G 94 -3.83 29.78 -0.54
C ALA G 94 -2.36 30.20 -0.46
N SER G 95 -1.49 29.60 -1.27
CA SER G 95 -0.09 29.98 -1.20
C SER G 95 0.12 31.41 -1.65
N THR G 96 -0.66 31.88 -2.63
CA THR G 96 -0.56 33.29 -3.02
C THR G 96 -0.97 34.21 -1.89
N TRP G 97 -2.00 33.82 -1.13
CA TRP G 97 -2.42 34.65 -0.01
C TRP G 97 -1.36 34.67 1.07
N TRP G 98 -0.71 33.53 1.33
CA TRP G 98 0.37 33.55 2.32
C TRP G 98 1.55 34.39 1.83
N GLN G 99 1.82 34.38 0.52
CA GLN G 99 2.88 35.23 0.01
C GLN G 99 2.53 36.69 0.15
N GLY G 100 1.24 37.02 0.12
CA GLY G 100 0.85 38.42 0.16
C GLY G 100 0.84 39.09 1.51
N VAL G 101 0.90 38.34 2.62
CA VAL G 101 0.76 38.92 3.95
C VAL G 101 1.77 38.29 4.91
N ARG G 102 2.94 37.90 4.39
CA ARG G 102 3.92 37.28 5.27
C ARG G 102 4.48 38.27 6.30
N LYS G 103 4.60 39.54 5.95
CA LYS G 103 5.33 40.47 6.79
C LYS G 103 4.50 41.05 7.92
N GLU G 104 3.19 40.82 7.95
CA GLU G 104 2.33 41.30 9.04
C GLU G 104 2.21 40.28 10.16
N ALA G 105 3.32 39.61 10.50
CA ALA G 105 3.32 38.60 11.54
C ALA G 105 4.73 38.48 12.10
N THR G 106 4.82 38.06 13.36
CA THR G 106 6.12 37.89 14.02
C THR G 106 6.24 36.64 14.87
N THR G 107 5.15 36.11 15.42
CA THR G 107 5.21 34.94 16.28
C THR G 107 3.98 34.08 16.01
N TRP G 108 4.06 32.82 16.43
CA TRP G 108 3.16 31.78 15.95
C TRP G 108 1.70 32.07 16.26
N LYS G 109 1.43 32.66 17.43
CA LYS G 109 0.04 32.93 17.82
C LYS G 109 -0.62 33.92 16.87
N GLU G 110 0.13 34.93 16.44
CA GLU G 110 -0.44 35.92 15.53
C GLU G 110 -0.79 35.30 14.20
N ALA G 111 0.02 34.35 13.74
CA ALA G 111 -0.25 33.71 12.45
C ALA G 111 -1.51 32.87 12.51
N ILE G 112 -1.68 32.10 13.59
CA ILE G 112 -2.89 31.30 13.69
C ILE G 112 -4.13 32.20 13.79
N ALA G 113 -4.02 33.29 14.56
CA ALA G 113 -5.15 34.20 14.68
C ALA G 113 -5.47 34.84 13.34
N LEU G 114 -4.45 35.13 12.53
CA LEU G 114 -4.68 35.74 11.23
C LEU G 114 -5.38 34.77 10.29
N ILE G 115 -4.99 33.50 10.31
CA ILE G 115 -5.68 32.51 9.48
C ILE G 115 -7.14 32.42 9.88
N ARG G 116 -7.41 32.38 11.19
CA ARG G 116 -8.79 32.27 11.63
C ARG G 116 -9.59 33.49 11.26
N GLU G 117 -8.97 34.67 11.27
CA GLU G 117 -9.70 35.89 10.97
C GLU G 117 -10.04 35.98 9.48
N HIS G 118 -9.08 35.66 8.61
CA HIS G 118 -9.36 35.82 7.19
C HIS G 118 -10.25 34.73 6.63
N PHE G 119 -10.07 33.46 7.04
CA PHE G 119 -10.80 32.40 6.33
C PHE G 119 -12.10 31.94 7.00
N SER G 120 -12.37 32.31 8.26
CA SER G 120 -13.63 31.88 8.86
C SER G 120 -13.84 32.53 10.23
N PRO G 121 -14.83 33.42 10.36
CA PRO G 121 -15.06 34.08 11.64
C PRO G 121 -15.45 33.09 12.73
N THR G 122 -15.00 33.37 13.95
CA THR G 122 -15.40 32.56 15.09
C THR G 122 -16.83 32.87 15.49
N LYS G 123 -17.53 31.85 15.99
CA LYS G 123 -18.93 32.02 16.34
C LYS G 123 -19.06 32.73 17.68
N PRO G 124 -19.80 33.83 17.75
CA PRO G 124 -20.19 34.42 19.03
C PRO G 124 -21.29 33.59 19.69
N ALA G 125 -21.51 33.86 20.99
CA ALA G 125 -22.38 33.01 21.80
C ALA G 125 -23.86 33.06 21.38
N TYR G 126 -24.36 34.24 21.01
CA TYR G 126 -25.81 34.36 20.82
C TYR G 126 -26.30 33.52 19.66
N GLN G 127 -25.48 33.37 18.61
CA GLN G 127 -25.87 32.48 17.53
C GLN G 127 -25.94 31.03 18.00
N ILE G 128 -25.10 30.64 18.95
CA ILE G 128 -25.16 29.29 19.47
C ILE G 128 -26.45 29.06 20.23
N TYR G 129 -26.80 30.01 21.11
CA TYR G 129 -28.06 29.87 21.83
C TYR G 129 -29.26 29.88 20.89
N MET G 130 -29.18 30.65 19.81
CA MET G 130 -30.29 30.70 18.83
C MET G 130 -30.46 29.34 18.15
N GLU G 131 -29.35 28.70 17.76
CA GLU G 131 -29.35 27.40 17.04
C GLU G 131 -29.88 26.26 17.91
N PHE G 132 -29.60 26.32 19.22
CA PHE G 132 -29.94 25.25 20.18
C PHE G 132 -31.45 25.01 20.27
N PHE G 133 -32.25 26.08 20.26
CA PHE G 133 -33.72 25.90 20.45
C PHE G 133 -34.55 25.90 19.15
N GLN G 134 -33.91 25.85 17.98
CA GLN G 134 -34.63 25.89 16.71
C GLN G 134 -35.38 24.59 16.43
N ASN G 135 -34.65 23.53 16.10
CA ASN G 135 -35.25 22.27 15.65
C ASN G 135 -35.44 21.34 16.84
N LYS G 136 -36.71 21.16 17.23
CA LYS G 136 -37.08 20.21 18.28
C LYS G 136 -36.94 18.79 17.76
N GLN G 137 -36.86 17.85 18.70
CA GLN G 137 -36.66 16.45 18.35
C GLN G 137 -37.79 15.94 17.48
N ASP G 138 -37.43 15.15 16.46
CA ASP G 138 -38.39 14.60 15.52
C ASP G 138 -39.14 13.45 16.17
N ASP G 139 -39.85 12.67 15.36
CA ASP G 139 -40.67 11.57 15.85
C ASP G 139 -40.06 10.20 15.57
N HIS G 140 -38.80 10.15 15.15
CA HIS G 140 -38.20 8.86 14.82
C HIS G 140 -36.79 8.65 15.35
N ASP G 141 -36.01 9.69 15.62
CA ASP G 141 -34.62 9.49 16.00
C ASP G 141 -34.52 8.89 17.41
N PRO G 142 -33.62 7.94 17.62
CA PRO G 142 -33.37 7.44 18.97
C PRO G 142 -32.75 8.50 19.87
N ILE G 143 -32.98 8.34 21.17
CA ILE G 143 -32.54 9.33 22.15
C ILE G 143 -31.03 9.52 22.14
N ASP G 144 -30.29 8.47 21.80
CA ASP G 144 -28.83 8.51 21.89
C ASP G 144 -28.24 9.54 20.93
N THR G 145 -28.67 9.51 19.67
CA THR G 145 -28.12 10.45 18.68
C THR G 145 -28.48 11.89 19.05
N PHE G 146 -29.67 12.09 19.60
CA PHE G 146 -30.10 13.44 19.97
C PHE G 146 -29.23 13.98 21.10
N VAL G 147 -28.99 13.16 22.13
CA VAL G 147 -28.16 13.62 23.24
C VAL G 147 -26.73 13.86 22.76
N ILE G 148 -26.24 13.04 21.83
CA ILE G 148 -24.86 13.22 21.37
C ILE G 148 -24.72 14.53 20.60
N GLN G 149 -25.68 14.82 19.72
CA GLN G 149 -25.59 16.06 18.95
C GLN G 149 -25.73 17.29 19.83
N LYS G 150 -26.68 17.25 20.78
CA LYS G 150 -26.86 18.41 21.64
C LYS G 150 -25.65 18.64 22.54
N ARG G 151 -25.04 17.56 23.05
CA ARG G 151 -23.82 17.76 23.82
C ARG G 151 -22.68 18.26 22.94
N ALA G 152 -22.64 17.85 21.68
CA ALA G 152 -21.60 18.33 20.79
C ALA G 152 -21.73 19.82 20.52
N LEU G 153 -22.96 20.35 20.51
CA LEU G 153 -23.12 21.76 20.23
C LEU G 153 -22.96 22.65 21.46
N LEU G 154 -22.87 22.07 22.66
CA LEU G 154 -22.86 22.86 23.89
C LEU G 154 -21.47 23.04 24.49
N ALA G 155 -20.44 22.42 23.92
CA ALA G 155 -19.09 22.56 24.44
C ALA G 155 -18.36 23.79 23.90
N GLN G 156 -18.93 24.49 22.93
CA GLN G 156 -18.28 25.64 22.32
C GLN G 156 -18.44 26.94 23.11
N LEU G 157 -19.31 26.97 24.11
CA LEU G 157 -19.40 28.14 24.98
C LEU G 157 -18.18 28.16 25.90
N PRO G 158 -17.84 29.32 26.45
CA PRO G 158 -16.65 29.41 27.31
C PRO G 158 -16.80 28.50 28.52
N SER G 159 -15.69 27.89 28.91
CA SER G 159 -15.76 26.83 29.90
C SER G 159 -16.04 27.39 31.29
N GLY G 160 -16.75 26.59 32.10
CA GLY G 160 -17.01 26.93 33.47
C GLY G 160 -18.22 27.81 33.70
N ARG G 161 -18.93 28.22 32.65
CA ARG G 161 -20.14 29.01 32.81
C ARG G 161 -21.36 28.17 33.09
N HIS G 162 -21.28 26.85 32.97
CA HIS G 162 -22.46 26.01 33.09
C HIS G 162 -22.05 24.64 33.63
N ASP G 163 -22.49 24.33 34.84
CA ASP G 163 -22.24 23.03 35.44
C ASP G 163 -23.30 22.04 34.97
N GLU G 164 -23.26 20.82 35.52
CA GLU G 164 -24.06 19.73 34.97
C GLU G 164 -25.55 19.97 35.12
N GLU G 165 -25.98 20.57 36.23
CA GLU G 165 -27.41 20.60 36.54
C GLU G 165 -28.18 21.53 35.61
N THR G 166 -27.69 22.75 35.41
CA THR G 166 -28.39 23.67 34.52
C THR G 166 -28.36 23.18 33.08
N GLU G 167 -27.30 22.47 32.70
CA GLU G 167 -27.26 21.90 31.35
C GLU G 167 -28.33 20.84 31.19
N LEU G 168 -28.49 19.97 32.19
CA LEU G 168 -29.57 18.99 32.13
C LEU G 168 -30.93 19.67 32.12
N ASP G 169 -31.05 20.81 32.80
CA ASP G 169 -32.32 21.54 32.77
C ASP G 169 -32.60 22.12 31.38
N LEU G 170 -31.59 22.68 30.74
CA LEU G 170 -31.80 23.24 29.41
C LEU G 170 -32.13 22.16 28.38
N LEU G 171 -31.51 20.99 28.50
CA LEU G 171 -31.72 19.95 27.50
C LEU G 171 -33.11 19.32 27.58
N PHE G 172 -33.77 19.39 28.73
CA PHE G 172 -34.95 18.59 29.01
C PHE G 172 -36.23 19.14 28.41
N GLY G 173 -36.21 20.35 27.87
CA GLY G 173 -37.43 20.93 27.34
C GLY G 173 -37.80 20.56 25.93
N LEU G 174 -36.97 19.79 25.23
CA LEU G 174 -37.20 19.52 23.82
C LEU G 174 -37.45 18.06 23.48
N LEU G 175 -37.52 17.17 24.47
CA LEU G 175 -37.73 15.76 24.18
C LEU G 175 -39.12 15.51 23.64
N ASN G 176 -39.23 14.52 22.76
CA ASN G 176 -40.50 14.17 22.15
C ASN G 176 -41.43 13.52 23.16
N ILE G 177 -42.74 13.59 22.88
CA ILE G 177 -43.77 13.22 23.84
C ILE G 177 -43.69 11.77 24.28
N LYS G 178 -43.05 10.90 23.49
CA LYS G 178 -42.97 9.49 23.88
C LYS G 178 -42.20 9.31 25.18
N TYR G 179 -41.20 10.14 25.46
CA TYR G 179 -40.40 9.96 26.66
C TYR G 179 -40.82 10.85 27.82
N ARG G 180 -41.41 12.01 27.54
CA ARG G 180 -41.75 12.95 28.60
C ARG G 180 -42.90 12.47 29.48
N LYS G 181 -43.72 11.54 28.99
CA LYS G 181 -44.90 11.09 29.71
C LYS G 181 -44.59 10.01 30.74
N HIS G 182 -43.38 9.46 30.76
CA HIS G 182 -42.99 8.46 31.75
C HIS G 182 -41.92 9.04 32.68
N ILE G 183 -40.68 9.18 32.22
CA ILE G 183 -39.64 9.76 33.05
C ILE G 183 -39.97 11.22 33.33
N SER G 184 -39.66 11.67 34.54
CA SER G 184 -39.95 13.03 34.97
C SER G 184 -38.67 13.68 35.47
N ARG G 185 -38.78 14.95 35.87
CA ARG G 185 -37.63 15.77 36.31
C ARG G 185 -37.30 15.49 37.78
N HIS G 186 -38.06 14.58 38.41
CA HIS G 186 -37.84 14.27 39.85
C HIS G 186 -36.43 13.73 40.09
N SER G 187 -36.19 12.67 39.32
CA SER G 187 -35.09 11.71 39.43
C SER G 187 -34.32 11.51 38.12
N VAL G 188 -33.39 12.39 37.84
CA VAL G 188 -32.52 12.07 36.69
C VAL G 188 -31.12 12.26 37.23
N HIS G 189 -30.85 13.40 37.85
CA HIS G 189 -29.58 13.72 38.57
C HIS G 189 -28.37 13.91 37.66
N THR G 190 -28.00 12.90 36.87
CA THR G 190 -26.79 13.04 36.01
C THR G 190 -27.12 12.53 34.61
N PHE G 191 -26.33 12.92 33.61
CA PHE G 191 -26.65 12.55 32.20
C PHE G 191 -26.71 11.02 32.07
N LYS G 192 -25.84 10.32 32.79
CA LYS G 192 -25.73 8.88 32.66
C LYS G 192 -27.06 8.17 32.93
N ASP G 193 -27.91 8.74 33.78
CA ASP G 193 -29.16 8.08 34.11
C ASP G 193 -30.20 8.25 33.01
N LEU G 194 -30.22 9.41 32.35
CA LEU G 194 -31.24 9.67 31.34
C LEU G 194 -31.10 8.71 30.17
N LEU G 195 -29.86 8.42 29.76
CA LEU G 195 -29.67 7.47 28.67
C LEU G 195 -30.11 6.08 29.08
N GLU G 196 -29.93 5.71 30.34
CA GLU G 196 -30.30 4.38 30.80
C GLU G 196 -31.81 4.20 30.79
N GLN G 197 -32.52 5.15 31.39
CA GLN G 197 -33.98 5.06 31.39
C GLN G 197 -34.54 5.16 29.99
N GLY G 198 -33.90 5.94 29.11
CA GLY G 198 -34.39 6.03 27.75
C GLY G 198 -34.18 4.74 26.98
N ARG G 199 -33.07 4.06 27.22
CA ARG G 199 -32.85 2.79 26.54
C ARG G 199 -33.84 1.72 27.03
N ILE G 200 -34.10 1.68 28.33
CA ILE G 200 -35.07 0.70 28.81
C ILE G 200 -36.48 1.03 28.31
N ILE G 201 -36.81 2.32 28.17
CA ILE G 201 -38.12 2.67 27.63
C ILE G 201 -38.19 2.50 26.13
N GLU G 202 -37.05 2.41 25.44
CA GLU G 202 -37.05 2.21 24.01
C GLU G 202 -37.06 0.74 23.61
N HIS G 203 -36.44 -0.14 24.41
CA HIS G 203 -36.47 -1.56 24.07
C HIS G 203 -37.87 -2.16 24.18
N ASN G 204 -38.75 -1.54 24.95
CA ASN G 204 -40.07 -2.07 25.24
C ASN G 204 -41.06 -1.86 24.11
N ASN G 205 -40.60 -1.45 22.93
CA ASN G 205 -41.46 -1.21 21.78
C ASN G 205 -42.47 -0.10 22.08
N GLN G 206 -41.97 0.98 22.67
CA GLN G 206 -42.79 2.12 23.06
C GLN G 206 -43.96 1.72 23.95
N THR H 224 -11.56 -8.58 5.62
CA THR H 224 -12.66 -7.63 5.96
C THR H 224 -13.03 -6.81 4.72
N THR H 225 -13.46 -7.48 3.64
CA THR H 225 -13.85 -6.80 2.38
C THR H 225 -12.67 -5.87 2.06
N ARG H 226 -11.57 -6.43 1.55
CA ARG H 226 -10.37 -5.64 1.20
C ARG H 226 -10.69 -4.23 0.66
N CYS H 227 -9.99 -3.21 1.13
CA CYS H 227 -10.26 -1.85 0.57
C CYS H 227 -10.05 -1.92 -0.93
N THR H 228 -10.99 -1.40 -1.71
CA THR H 228 -10.88 -1.49 -3.19
C THR H 228 -9.59 -0.81 -3.68
N TYR H 229 -9.24 0.34 -3.10
CA TYR H 229 -8.15 1.23 -3.58
C TYR H 229 -6.81 0.83 -2.96
N CYS H 230 -6.68 0.92 -1.64
CA CYS H 230 -5.38 0.73 -0.91
C CYS H 230 -5.08 -0.76 -0.71
N SER H 231 -6.11 -1.62 -0.74
CA SER H 231 -6.00 -3.11 -0.71
C SER H 231 -5.39 -3.60 0.61
N PHE H 232 -5.96 -3.09 1.70
CA PHE H 232 -5.72 -3.44 3.12
C PHE H 232 -7.12 -3.64 3.71
N ARG H 233 -7.36 -4.70 4.49
CA ARG H 233 -8.74 -4.93 5.01
C ARG H 233 -8.99 -4.08 6.25
N GLY H 234 -9.02 -2.75 6.08
CA GLY H 234 -9.27 -1.85 7.24
C GLY H 234 -10.49 -0.94 7.12
N HIS H 235 -11.07 -0.79 5.92
CA HIS H 235 -12.23 0.15 5.68
C HIS H 235 -12.96 -0.01 4.34
N THR H 236 -13.92 0.91 4.14
CA THR H 236 -14.81 1.10 2.96
C THR H 236 -14.10 1.92 1.85
N PHE H 237 -14.73 2.04 0.68
CA PHE H 237 -14.19 2.75 -0.52
C PHE H 237 -14.29 4.27 -0.36
N ASP H 238 -15.46 4.74 0.07
CA ASP H 238 -15.80 6.16 0.35
C ASP H 238 -14.67 6.85 1.12
N ASN H 239 -14.22 6.25 2.23
CA ASN H 239 -13.23 6.85 3.16
C ASN H 239 -11.92 6.04 3.12
N CYS H 240 -10.85 6.66 2.62
CA CYS H 240 -9.46 6.12 2.52
C CYS H 240 -8.48 7.31 2.52
N ARG H 241 -7.44 7.21 3.34
CA ARG H 241 -6.51 8.35 3.57
C ARG H 241 -5.87 8.81 2.26
N LYS H 242 -5.41 7.87 1.43
CA LYS H 242 -4.74 8.28 0.17
C LYS H 242 -5.74 9.01 -0.75
N ARG H 243 -6.93 8.46 -0.95
CA ARG H 243 -7.94 9.02 -1.89
C ARG H 243 -8.61 10.34 -1.43
N GLN H 244 -9.08 10.43 -0.18
CA GLN H 244 -9.82 11.62 0.31
C GLN H 244 -8.96 12.88 0.38
N LYS H 245 -7.74 12.72 0.90
CA LYS H 245 -6.71 13.77 1.13
C LYS H 245 -5.37 13.25 0.59
N ASP H 246 -4.24 13.76 1.10
CA ASP H 246 -2.87 13.47 0.60
C ASP H 246 -2.77 13.94 -0.86
N ARG H 247 -3.39 15.09 -1.16
CA ARG H 247 -3.47 15.71 -2.52
C ARG H 247 -3.47 14.62 -3.60
N GLN H 248 -4.47 13.73 -3.56
CA GLN H 248 -4.84 12.80 -4.67
C GLN H 248 -6.05 13.40 -5.39
N GLU H 249 -6.70 12.62 -6.27
CA GLU H 249 -7.90 13.05 -7.05
C GLU H 249 -7.52 14.29 -7.88
N GLU H 250 -6.44 14.19 -8.67
CA GLU H 250 -5.92 15.26 -9.57
C GLU H 250 -6.35 14.97 -11.01
#